data_5AVP
#
_entry.id   5AVP
#
_cell.length_a   90.533
_cell.length_b   123.226
_cell.length_c   109.446
_cell.angle_alpha   90.00
_cell.angle_beta   97.38
_cell.angle_gamma   90.00
#
_symmetry.space_group_name_H-M   'C 1 2 1'
#
loop_
_entity.id
_entity.type
_entity.pdbx_description
1 polymer 'L-ribose isomerase'
2 non-polymer 'MANGANESE (II) ION'
3 water water
#
_entity_poly.entity_id   1
_entity_poly.type   'polypeptide(L)'
_entity_poly.pdbx_seq_one_letter_code
;MNHKVHHHHHHIEGRHMEGLLARTSVTRREYDEWLNEAAALGRALRYPVRPEMVNDSAGIVFGEDQYDAFENGLWSREPY
EAMVIFESLNEPAVDGLPAAGAPFAEYSGLCDKLMIVHPGKFCPPHYHQRKTESYEVVLGEMELFYSPKPVQVGEEEVLS
FTGMHEGSPWPDGVALPIGREESYAALTSYRRLRVGDPKFVMHRKHLHAFRCPADSDVPLVVREVSTYSHEPTEEAADKA
APLPDWAGLHDNSFVAAAANSGRLRTAIQ
;
_entity_poly.pdbx_strand_id   A,B,C,D
#
# COMPACT_ATOMS: atom_id res chain seq x y z
N ALA A 22 40.12 3.49 -5.40
CA ALA A 22 39.21 2.79 -4.46
C ALA A 22 38.61 3.75 -3.42
N ARG A 23 37.40 4.25 -3.68
CA ARG A 23 36.71 5.16 -2.75
C ARG A 23 36.79 4.61 -1.32
N THR A 24 36.98 5.49 -0.34
CA THR A 24 37.09 5.07 1.06
C THR A 24 35.99 5.66 1.94
N SER A 25 34.94 6.19 1.33
CA SER A 25 33.85 6.79 2.08
C SER A 25 32.73 7.25 1.16
N VAL A 26 31.58 7.49 1.75
CA VAL A 26 30.40 7.92 1.04
C VAL A 26 30.19 9.41 1.36
N THR A 27 29.92 10.23 0.35
CA THR A 27 29.72 11.66 0.60
C THR A 27 28.41 11.90 1.32
N ARG A 28 28.28 13.09 1.89
CA ARG A 28 27.07 13.46 2.62
C ARG A 28 25.81 13.36 1.74
N ARG A 29 25.90 13.90 0.52
CA ARG A 29 24.79 13.86 -0.41
C ARG A 29 24.47 12.41 -0.76
N GLU A 30 25.48 11.62 -1.08
CA GLU A 30 25.27 10.21 -1.40
C GLU A 30 24.55 9.49 -0.28
N TYR A 31 25.04 9.67 0.94
CA TYR A 31 24.43 9.00 2.08
C TYR A 31 22.98 9.45 2.30
N ASP A 32 22.78 10.77 2.41
CA ASP A 32 21.43 11.27 2.63
C ASP A 32 20.40 10.86 1.57
N GLU A 33 20.74 10.99 0.29
CA GLU A 33 19.83 10.59 -0.77
C GLU A 33 19.55 9.08 -0.61
N TRP A 34 20.60 8.30 -0.35
CA TRP A 34 20.46 6.85 -0.19
C TRP A 34 19.46 6.52 0.93
N LEU A 35 19.65 7.11 2.10
CA LEU A 35 18.73 6.83 3.18
C LEU A 35 17.40 7.59 3.10
N ASN A 36 17.37 8.70 2.37
CA ASN A 36 16.13 9.47 2.22
C ASN A 36 15.15 8.80 1.24
N GLU A 37 15.70 8.17 0.20
CA GLU A 37 14.85 7.47 -0.77
C GLU A 37 14.39 6.23 -0.08
N ALA A 38 15.33 5.59 0.62
CA ALA A 38 15.08 4.37 1.34
C ALA A 38 13.97 4.55 2.37
N ALA A 39 14.00 5.70 3.07
CA ALA A 39 13.02 6.03 4.11
C ALA A 39 11.61 6.20 3.56
N ALA A 40 11.50 6.94 2.46
CA ALA A 40 10.21 7.18 1.79
C ALA A 40 9.64 5.87 1.19
N LEU A 41 10.52 5.07 0.60
CA LEU A 41 10.11 3.82 0.01
C LEU A 41 9.54 2.96 1.12
N GLY A 42 10.12 3.05 2.30
CA GLY A 42 9.63 2.30 3.44
C GLY A 42 8.24 2.71 3.87
N ARG A 43 8.03 4.00 4.12
CA ARG A 43 6.72 4.53 4.53
C ARG A 43 5.64 4.12 3.54
N ALA A 44 5.99 4.20 2.26
CA ALA A 44 5.06 3.85 1.21
C ALA A 44 4.65 2.40 1.33
N LEU A 45 5.64 1.57 1.65
CA LEU A 45 5.40 0.14 1.81
C LEU A 45 4.76 -0.13 3.16
N ARG A 46 4.33 0.96 3.79
CA ARG A 46 3.65 0.94 5.08
C ARG A 46 4.46 0.62 6.33
N TYR A 47 5.76 0.86 6.31
CA TYR A 47 6.58 0.58 7.49
C TYR A 47 6.75 1.87 8.30
N PRO A 48 6.54 1.83 9.64
CA PRO A 48 6.64 3.01 10.50
C PRO A 48 8.05 3.61 10.66
N VAL A 49 8.59 4.15 9.58
CA VAL A 49 9.91 4.77 9.65
C VAL A 49 9.73 6.20 10.05
N ARG A 50 10.12 6.49 11.30
CA ARG A 50 10.02 7.82 11.88
C ARG A 50 11.40 8.46 11.63
N PRO A 51 11.46 9.81 11.47
CA PRO A 51 12.73 10.50 11.20
C PRO A 51 13.81 10.17 12.23
N GLU A 52 13.40 9.90 13.46
CA GLU A 52 14.35 9.57 14.50
C GLU A 52 15.22 8.42 13.98
N MET A 53 14.60 7.47 13.28
CA MET A 53 15.25 6.27 12.74
C MET A 53 16.15 6.43 11.53
N VAL A 54 15.91 7.49 10.75
CA VAL A 54 16.72 7.76 9.56
C VAL A 54 17.90 8.55 10.06
N ASN A 55 19.00 7.87 10.36
CA ASN A 55 20.19 8.53 10.88
C ASN A 55 21.51 8.02 10.30
N ASP A 56 22.59 8.67 10.72
CA ASP A 56 23.92 8.32 10.25
C ASP A 56 24.39 6.91 10.58
N SER A 57 23.45 6.01 10.84
CA SER A 57 23.80 4.63 11.16
C SER A 57 22.98 3.60 10.39
N ALA A 58 21.79 3.99 9.95
CA ALA A 58 20.95 3.08 9.18
C ALA A 58 21.68 2.67 7.88
N GLY A 59 22.41 3.60 7.28
CA GLY A 59 23.16 3.30 6.08
C GLY A 59 24.40 2.53 6.46
N ILE A 60 24.53 1.32 5.93
CA ILE A 60 25.66 0.45 6.23
C ILE A 60 26.48 0.01 5.03
N VAL A 61 27.80 0.11 5.16
CA VAL A 61 28.73 -0.35 4.13
C VAL A 61 29.60 -1.37 4.85
N PHE A 62 29.56 -2.61 4.38
CA PHE A 62 30.31 -3.68 5.02
C PHE A 62 31.76 -3.81 4.59
N GLY A 63 32.62 -2.92 5.08
CA GLY A 63 34.03 -2.99 4.74
C GLY A 63 34.54 -1.83 3.88
N GLU A 64 35.83 -1.52 4.00
CA GLU A 64 36.41 -0.42 3.22
C GLU A 64 36.44 -0.83 1.75
N ASP A 65 36.46 -2.14 1.50
CA ASP A 65 36.50 -2.62 0.14
C ASP A 65 35.17 -2.34 -0.57
N GLN A 66 34.12 -2.19 0.22
CA GLN A 66 32.80 -1.96 -0.33
C GLN A 66 32.36 -0.51 -0.59
N TYR A 67 33.20 0.47 -0.29
CA TYR A 67 32.78 1.84 -0.53
C TYR A 67 32.76 2.16 -2.03
N ASP A 68 33.25 1.22 -2.84
CA ASP A 68 33.26 1.37 -4.29
C ASP A 68 31.87 1.15 -4.85
N ALA A 69 30.94 0.86 -3.96
CA ALA A 69 29.56 0.65 -4.35
C ALA A 69 29.06 2.01 -4.86
N PHE A 70 29.55 3.07 -4.23
CA PHE A 70 29.13 4.40 -4.59
C PHE A 70 29.92 5.04 -5.70
N GLU A 71 30.84 4.29 -6.31
CA GLU A 71 31.61 4.84 -7.40
C GLU A 71 30.71 4.89 -8.62
N ASN A 72 29.78 3.94 -8.74
CA ASN A 72 28.85 3.86 -9.85
C ASN A 72 27.40 4.06 -9.44
N GLY A 73 27.13 3.93 -8.15
CA GLY A 73 25.78 4.10 -7.66
C GLY A 73 25.15 2.81 -7.22
N LEU A 74 24.05 2.94 -6.48
CA LEU A 74 23.32 1.80 -5.96
C LEU A 74 22.52 1.15 -7.07
N TRP A 75 22.39 1.84 -8.19
CA TRP A 75 21.66 1.28 -9.30
C TRP A 75 22.61 0.74 -10.34
N SER A 76 23.87 0.61 -9.94
CA SER A 76 24.92 0.10 -10.80
C SER A 76 24.71 -1.38 -11.10
N ARG A 77 24.07 -2.09 -10.19
CA ARG A 77 23.80 -3.51 -10.36
C ARG A 77 25.06 -4.32 -10.12
N GLU A 78 26.06 -3.69 -9.51
CA GLU A 78 27.29 -4.38 -9.22
C GLU A 78 27.29 -5.05 -7.83
N PRO A 79 28.03 -6.17 -7.69
CA PRO A 79 28.09 -6.92 -6.43
C PRO A 79 28.89 -6.27 -5.30
N TYR A 80 28.18 -5.67 -4.35
CA TYR A 80 28.82 -5.03 -3.21
C TYR A 80 28.01 -5.33 -1.94
N GLU A 81 28.69 -5.27 -0.80
CA GLU A 81 28.04 -5.51 0.47
C GLU A 81 27.63 -4.17 1.09
N ALA A 82 26.34 -3.86 1.01
CA ALA A 82 25.81 -2.60 1.55
C ALA A 82 24.30 -2.69 1.76
N MET A 83 23.77 -1.89 2.69
CA MET A 83 22.33 -1.88 2.96
C MET A 83 21.94 -0.84 3.99
N VAL A 84 20.63 -0.60 4.11
CA VAL A 84 20.11 0.35 5.08
C VAL A 84 19.16 -0.43 5.97
N ILE A 85 19.20 -0.13 7.27
CA ILE A 85 18.35 -0.83 8.22
C ILE A 85 17.64 0.14 9.16
N PHE A 86 16.34 0.29 9.02
CA PHE A 86 15.56 1.16 9.91
C PHE A 86 14.99 0.27 11.00
N GLU A 87 15.44 0.48 12.23
CA GLU A 87 14.96 -0.32 13.34
C GLU A 87 13.86 0.41 14.13
N SER A 88 12.68 -0.18 14.16
CA SER A 88 11.55 0.42 14.87
C SER A 88 11.40 -0.14 16.28
N LEU A 89 11.92 -1.36 16.51
CA LEU A 89 11.87 -1.97 17.84
C LEU A 89 13.09 -2.80 18.15
N ASN A 90 13.41 -2.88 19.42
CA ASN A 90 14.55 -3.65 19.89
C ASN A 90 14.34 -3.72 21.39
N GLU A 91 13.24 -4.37 21.79
CA GLU A 91 12.87 -4.55 23.19
C GLU A 91 13.64 -5.71 23.82
N PRO A 92 14.31 -5.46 24.95
CA PRO A 92 15.05 -6.54 25.59
C PRO A 92 14.15 -7.65 26.16
N ALA A 93 12.94 -7.28 26.54
CA ALA A 93 12.01 -8.25 27.12
C ALA A 93 12.57 -8.84 28.43
N VAL A 94 13.11 -7.96 29.27
CA VAL A 94 13.67 -8.37 30.55
C VAL A 94 12.60 -8.25 31.62
N ASP A 95 11.88 -7.13 31.62
CA ASP A 95 10.83 -6.89 32.60
C ASP A 95 9.85 -8.06 32.66
N GLY A 96 9.59 -8.52 33.87
CA GLY A 96 8.66 -9.62 34.07
C GLY A 96 9.25 -11.00 33.93
N LEU A 97 10.53 -11.08 33.59
CA LEU A 97 11.17 -12.38 33.43
C LEU A 97 11.73 -12.84 34.77
N PRO A 98 11.60 -14.13 35.10
CA PRO A 98 12.10 -14.69 36.38
C PRO A 98 13.59 -14.41 36.55
N ALA A 99 13.96 -13.89 37.72
CA ALA A 99 15.37 -13.59 37.98
C ALA A 99 16.29 -14.73 37.53
N ALA A 100 15.86 -15.97 37.73
CA ALA A 100 16.68 -17.12 37.33
C ALA A 100 16.85 -17.27 35.82
N GLY A 101 16.27 -16.35 35.07
CA GLY A 101 16.36 -16.43 33.62
C GLY A 101 17.34 -15.44 33.03
N ALA A 102 17.91 -14.59 33.89
CA ALA A 102 18.87 -13.57 33.48
C ALA A 102 20.01 -14.12 32.62
N PRO A 103 20.56 -15.28 33.00
CA PRO A 103 21.66 -15.83 32.19
C PRO A 103 21.33 -15.97 30.72
N PHE A 104 20.08 -16.35 30.42
CA PHE A 104 19.70 -16.57 29.03
C PHE A 104 18.79 -15.52 28.41
N ALA A 105 18.55 -14.44 29.12
CA ALA A 105 17.68 -13.38 28.63
C ALA A 105 18.18 -12.73 27.32
N GLU A 106 19.47 -12.90 27.01
CA GLU A 106 19.98 -12.26 25.81
C GLU A 106 19.62 -13.03 24.56
N TYR A 107 19.25 -14.30 24.72
CA TYR A 107 18.85 -15.12 23.58
C TYR A 107 17.38 -14.85 23.22
N SER A 108 16.76 -13.93 23.98
CA SER A 108 15.36 -13.53 23.80
C SER A 108 15.28 -12.10 23.28
N GLY A 109 14.18 -11.41 23.57
CA GLY A 109 14.05 -10.03 23.12
C GLY A 109 13.28 -9.87 21.81
N LEU A 110 12.87 -8.65 21.48
CA LEU A 110 12.11 -8.41 20.25
C LEU A 110 12.65 -7.28 19.37
N CYS A 111 13.15 -7.66 18.20
CA CYS A 111 13.67 -6.69 17.25
C CYS A 111 12.81 -6.66 16.02
N ASP A 112 12.52 -5.46 15.54
CA ASP A 112 11.74 -5.28 14.32
C ASP A 112 12.43 -4.22 13.46
N LYS A 113 12.78 -4.59 12.24
CA LYS A 113 13.44 -3.65 11.36
C LYS A 113 13.17 -3.95 9.90
N LEU A 114 13.19 -2.89 9.11
CA LEU A 114 12.97 -3.01 7.68
C LEU A 114 14.38 -2.88 7.09
N MET A 115 14.68 -3.64 6.03
CA MET A 115 16.00 -3.57 5.41
C MET A 115 15.86 -3.32 3.91
N ILE A 116 16.71 -2.45 3.37
CA ILE A 116 16.64 -2.12 1.96
C ILE A 116 17.94 -2.46 1.26
N VAL A 117 17.85 -3.36 0.29
CA VAL A 117 19.01 -3.79 -0.49
C VAL A 117 18.73 -3.54 -1.96
N HIS A 118 19.62 -2.80 -2.62
CA HIS A 118 19.48 -2.52 -4.05
C HIS A 118 19.97 -3.65 -4.95
N PRO A 119 19.54 -3.64 -6.23
CA PRO A 119 19.93 -4.70 -7.16
C PRO A 119 21.42 -5.04 -7.17
N GLY A 120 21.72 -6.31 -7.01
CA GLY A 120 23.10 -6.77 -7.02
C GLY A 120 23.83 -6.67 -5.70
N LYS A 121 23.29 -5.88 -4.78
CA LYS A 121 23.92 -5.71 -3.47
C LYS A 121 23.66 -6.88 -2.50
N PHE A 122 24.56 -7.07 -1.52
CA PHE A 122 24.41 -8.14 -0.55
C PHE A 122 24.42 -7.69 0.89
N CYS A 123 24.09 -8.63 1.76
CA CYS A 123 24.13 -8.49 3.21
C CYS A 123 25.09 -9.65 3.46
N PRO A 124 26.38 -9.35 3.64
CA PRO A 124 27.50 -10.27 3.87
C PRO A 124 27.29 -11.52 4.75
N PRO A 125 27.98 -12.62 4.42
CA PRO A 125 27.85 -13.86 5.20
C PRO A 125 28.23 -13.62 6.67
N HIS A 126 27.32 -14.01 7.56
CA HIS A 126 27.49 -13.85 8.99
C HIS A 126 26.53 -14.77 9.72
N TYR A 127 26.79 -14.98 11.00
CA TYR A 127 25.93 -15.79 11.85
C TYR A 127 25.86 -15.11 13.21
N HIS A 128 24.79 -15.35 13.94
CA HIS A 128 24.61 -14.74 15.25
C HIS A 128 24.55 -15.88 16.24
N GLN A 129 25.12 -15.64 17.42
CA GLN A 129 25.16 -16.64 18.46
C GLN A 129 23.83 -16.71 19.19
N ARG A 130 23.23 -15.55 19.42
CA ARG A 130 21.96 -15.46 20.14
C ARG A 130 20.74 -15.19 19.31
N LYS A 131 20.88 -14.31 18.33
CA LYS A 131 19.76 -13.91 17.49
C LYS A 131 19.21 -14.93 16.50
N THR A 132 17.89 -15.01 16.46
CA THR A 132 17.17 -15.86 15.51
C THR A 132 16.28 -14.88 14.75
N GLU A 133 16.36 -14.96 13.44
CA GLU A 133 15.63 -14.05 12.56
C GLU A 133 14.51 -14.68 11.73
N SER A 134 13.58 -13.85 11.27
CA SER A 134 12.48 -14.27 10.40
C SER A 134 12.45 -13.24 9.28
N TYR A 135 12.11 -13.67 8.06
CA TYR A 135 12.08 -12.75 6.93
C TYR A 135 10.70 -12.65 6.29
N GLU A 136 10.34 -11.44 5.91
CA GLU A 136 9.06 -11.22 5.25
C GLU A 136 9.32 -10.24 4.13
N VAL A 137 9.27 -10.75 2.91
CA VAL A 137 9.50 -9.91 1.74
C VAL A 137 8.37 -8.90 1.60
N VAL A 138 8.71 -7.62 1.58
CA VAL A 138 7.72 -6.57 1.42
C VAL A 138 7.69 -6.14 -0.05
N LEU A 139 8.87 -6.04 -0.65
CA LEU A 139 9.03 -5.61 -2.03
C LEU A 139 10.21 -6.26 -2.72
N GLY A 140 10.00 -6.77 -3.93
CA GLY A 140 11.08 -7.40 -4.68
C GLY A 140 11.21 -8.88 -4.42
N GLU A 141 12.42 -9.39 -4.62
CA GLU A 141 12.70 -10.80 -4.41
C GLU A 141 13.99 -10.90 -3.66
N MET A 142 14.02 -11.79 -2.67
CA MET A 142 15.20 -12.00 -1.84
C MET A 142 15.85 -13.35 -2.10
N GLU A 143 17.13 -13.33 -2.49
CA GLU A 143 17.88 -14.56 -2.73
C GLU A 143 18.68 -14.80 -1.48
N LEU A 144 18.16 -15.70 -0.64
CA LEU A 144 18.78 -16.06 0.61
C LEU A 144 19.78 -17.20 0.47
N PHE A 145 20.97 -17.01 1.03
CA PHE A 145 22.04 -18.01 1.01
C PHE A 145 22.37 -18.36 2.47
N TYR A 146 22.56 -19.64 2.77
CA TYR A 146 22.87 -20.03 4.12
C TYR A 146 23.47 -21.43 4.23
N SER A 147 23.98 -21.72 5.43
CA SER A 147 24.58 -23.01 5.74
C SER A 147 23.51 -23.81 6.50
N PRO A 148 23.20 -25.04 6.05
CA PRO A 148 22.18 -25.85 6.73
C PRO A 148 22.64 -26.40 8.08
N LYS A 149 23.94 -26.29 8.34
CA LYS A 149 24.48 -26.74 9.61
C LYS A 149 24.85 -25.53 10.47
N PRO A 150 24.49 -25.56 11.76
CA PRO A 150 24.81 -24.43 12.65
C PRO A 150 26.29 -24.54 13.02
N VAL A 151 26.80 -23.54 13.71
CA VAL A 151 28.19 -23.56 14.11
C VAL A 151 28.26 -23.93 15.59
N GLN A 152 29.33 -24.60 15.99
CA GLN A 152 29.47 -24.98 17.37
C GLN A 152 30.17 -23.87 18.16
N VAL A 153 29.36 -23.04 18.78
CA VAL A 153 29.84 -21.91 19.56
C VAL A 153 30.14 -22.33 21.00
N GLY A 154 31.38 -22.73 21.27
CA GLY A 154 31.74 -23.14 22.62
C GLY A 154 31.44 -24.60 22.89
N GLU A 155 32.03 -25.15 23.95
CA GLU A 155 31.81 -26.56 24.29
C GLU A 155 30.45 -26.82 24.97
N GLU A 156 29.70 -25.76 25.24
CA GLU A 156 28.39 -25.84 25.87
C GLU A 156 27.37 -26.65 25.03
N GLU A 157 26.39 -27.26 25.70
CA GLU A 157 25.39 -28.06 25.01
C GLU A 157 24.18 -27.21 24.55
N VAL A 158 23.75 -27.43 23.32
CA VAL A 158 22.64 -26.68 22.74
C VAL A 158 21.42 -27.52 22.42
N LEU A 159 20.25 -26.88 22.48
CA LEU A 159 18.98 -27.52 22.19
C LEU A 159 18.73 -27.62 20.68
N SER A 160 17.77 -28.47 20.32
CA SER A 160 17.41 -28.68 18.92
C SER A 160 15.87 -28.86 18.83
N PHE A 161 15.34 -28.86 17.61
CA PHE A 161 13.91 -29.03 17.41
C PHE A 161 13.55 -29.09 15.92
N THR A 162 13.52 -27.91 15.29
CA THR A 162 13.19 -27.86 13.87
C THR A 162 14.41 -27.60 12.98
N GLY A 163 15.48 -27.05 13.56
CA GLY A 163 16.69 -26.79 12.79
C GLY A 163 16.46 -26.08 11.47
N MET A 164 17.44 -26.10 10.59
CA MET A 164 17.33 -25.47 9.28
C MET A 164 17.28 -26.53 8.20
N HIS A 165 16.23 -26.50 7.38
CA HIS A 165 16.13 -27.49 6.31
C HIS A 165 17.26 -27.29 5.32
N GLU A 166 17.33 -28.14 4.30
CA GLU A 166 18.43 -28.04 3.35
C GLU A 166 18.28 -26.95 2.30
N GLY A 167 17.14 -26.91 1.62
CA GLY A 167 16.99 -25.87 0.63
C GLY A 167 17.39 -26.27 -0.77
N SER A 168 17.78 -25.29 -1.58
CA SER A 168 18.12 -25.55 -2.97
C SER A 168 19.51 -25.08 -3.41
N PRO A 169 19.93 -25.51 -4.62
CA PRO A 169 21.22 -25.15 -5.21
C PRO A 169 21.14 -23.69 -5.64
N TRP A 170 22.25 -22.97 -5.54
CA TRP A 170 22.25 -21.58 -5.97
C TRP A 170 21.88 -21.50 -7.45
N PRO A 171 21.24 -20.40 -7.86
CA PRO A 171 20.89 -20.28 -9.28
C PRO A 171 22.17 -19.85 -9.99
N ASP A 172 22.29 -20.12 -11.29
CA ASP A 172 23.51 -19.74 -12.00
C ASP A 172 23.63 -18.23 -12.15
N GLY A 173 24.87 -17.74 -12.13
CA GLY A 173 25.08 -16.32 -12.32
C GLY A 173 24.97 -15.39 -11.15
N VAL A 174 25.19 -15.88 -9.93
CA VAL A 174 25.15 -15.00 -8.78
C VAL A 174 26.52 -14.35 -8.67
N ALA A 175 26.62 -13.10 -9.08
CA ALA A 175 27.89 -12.38 -8.99
C ALA A 175 28.13 -11.96 -7.54
N LEU A 176 29.26 -12.39 -6.99
CA LEU A 176 29.61 -12.05 -5.61
C LEU A 176 30.66 -10.94 -5.55
N PRO A 177 30.62 -10.10 -4.50
CA PRO A 177 31.62 -9.01 -4.42
C PRO A 177 33.04 -9.54 -4.55
N ILE A 178 33.84 -8.88 -5.38
CA ILE A 178 35.21 -9.27 -5.60
C ILE A 178 36.01 -9.18 -4.30
N GLY A 179 36.78 -10.22 -4.03
CA GLY A 179 37.60 -10.26 -2.84
C GLY A 179 36.86 -10.84 -1.64
N ARG A 180 35.56 -11.07 -1.79
CA ARG A 180 34.78 -11.63 -0.69
C ARG A 180 34.20 -12.96 -1.19
N GLU A 181 34.62 -13.35 -2.39
CA GLU A 181 34.19 -14.59 -3.02
C GLU A 181 34.15 -15.78 -2.05
N GLU A 182 35.19 -15.92 -1.26
CA GLU A 182 35.30 -17.02 -0.31
C GLU A 182 34.27 -17.05 0.81
N SER A 183 34.04 -15.90 1.46
CA SER A 183 33.10 -15.80 2.58
C SER A 183 31.72 -16.42 2.35
N TYR A 184 31.42 -16.74 1.10
CA TYR A 184 30.13 -17.33 0.76
C TYR A 184 30.17 -18.86 0.62
N ALA A 185 31.37 -19.41 0.51
CA ALA A 185 31.56 -20.84 0.36
C ALA A 185 30.65 -21.71 1.24
N ALA A 186 30.79 -21.55 2.54
CA ALA A 186 30.01 -22.31 3.51
C ALA A 186 28.51 -22.18 3.38
N LEU A 187 28.04 -21.14 2.71
CA LEU A 187 26.59 -20.93 2.57
C LEU A 187 25.98 -21.61 1.35
N THR A 188 26.11 -22.94 1.32
CA THR A 188 25.64 -23.82 0.25
C THR A 188 24.15 -23.86 -0.08
N SER A 189 23.31 -23.61 0.91
CA SER A 189 21.88 -23.63 0.66
C SER A 189 21.34 -22.33 0.13
N TYR A 190 20.38 -22.44 -0.79
CA TYR A 190 19.77 -21.30 -1.42
C TYR A 190 18.29 -21.27 -1.11
N ARG A 191 17.66 -20.13 -1.39
CA ARG A 191 16.23 -19.95 -1.16
C ARG A 191 15.78 -18.62 -1.74
N ARG A 192 14.67 -18.67 -2.48
CA ARG A 192 14.09 -17.51 -3.14
C ARG A 192 12.79 -17.14 -2.43
N LEU A 193 12.83 -16.13 -1.57
CA LEU A 193 11.62 -15.71 -0.87
C LEU A 193 10.97 -14.50 -1.57
N ARG A 194 9.65 -14.59 -1.77
CA ARG A 194 8.89 -13.51 -2.43
C ARG A 194 7.79 -12.97 -1.52
N VAL A 195 7.18 -11.87 -1.97
CA VAL A 195 6.10 -11.24 -1.23
C VAL A 195 4.94 -12.23 -1.17
N GLY A 196 4.40 -12.46 0.01
CA GLY A 196 3.28 -13.38 0.12
C GLY A 196 3.67 -14.75 0.66
N ASP A 197 4.92 -15.15 0.44
CA ASP A 197 5.43 -16.45 0.92
C ASP A 197 5.30 -16.58 2.43
N PRO A 198 5.55 -17.78 2.96
CA PRO A 198 5.45 -17.97 4.40
C PRO A 198 6.61 -17.27 5.09
N LYS A 199 6.50 -17.05 6.39
CA LYS A 199 7.59 -16.40 7.12
C LYS A 199 8.74 -17.39 7.11
N PHE A 200 9.95 -16.88 6.86
CA PHE A 200 11.11 -17.74 6.86
C PHE A 200 11.95 -17.51 8.10
N VAL A 201 12.21 -18.59 8.82
CA VAL A 201 12.99 -18.53 10.05
C VAL A 201 14.44 -18.97 9.87
N MET A 202 15.35 -18.13 10.37
CA MET A 202 16.79 -18.37 10.32
C MET A 202 17.32 -18.48 11.73
N HIS A 203 17.49 -19.71 12.19
CA HIS A 203 17.98 -19.98 13.54
C HIS A 203 19.36 -19.43 13.82
N ARG A 204 19.56 -19.00 15.05
CA ARG A 204 20.85 -18.49 15.46
C ARG A 204 21.91 -19.58 15.16
N LYS A 205 23.18 -19.21 15.18
CA LYS A 205 24.24 -20.17 14.90
C LYS A 205 24.27 -20.65 13.45
N HIS A 206 23.47 -20.03 12.58
CA HIS A 206 23.47 -20.42 11.18
C HIS A 206 24.05 -19.32 10.29
N LEU A 207 24.95 -19.70 9.40
CA LEU A 207 25.56 -18.74 8.49
C LEU A 207 24.56 -18.33 7.41
N HIS A 208 24.26 -17.04 7.35
CA HIS A 208 23.33 -16.57 6.33
C HIS A 208 23.83 -15.33 5.61
N ALA A 209 23.10 -14.97 4.55
CA ALA A 209 23.43 -13.82 3.72
C ALA A 209 22.41 -13.83 2.57
N PHE A 210 21.91 -12.66 2.21
CA PHE A 210 20.95 -12.54 1.13
C PHE A 210 21.34 -11.40 0.20
N ARG A 211 20.68 -11.36 -0.94
CA ARG A 211 20.95 -10.31 -1.91
C ARG A 211 19.69 -10.00 -2.73
N CYS A 212 19.69 -8.85 -3.37
CA CYS A 212 18.61 -8.47 -4.24
C CYS A 212 19.12 -8.86 -5.63
N PRO A 213 18.34 -9.61 -6.42
CA PRO A 213 18.74 -10.04 -7.76
C PRO A 213 19.32 -8.86 -8.52
N ALA A 214 20.53 -8.99 -9.05
CA ALA A 214 21.16 -7.88 -9.76
C ALA A 214 20.33 -7.24 -10.87
N ASP A 215 19.43 -8.01 -11.47
CA ASP A 215 18.61 -7.48 -12.55
C ASP A 215 17.22 -7.06 -12.06
N SER A 216 17.13 -6.70 -10.79
CA SER A 216 15.86 -6.28 -10.20
C SER A 216 15.46 -4.91 -10.72
N ASP A 217 14.18 -4.62 -10.67
CA ASP A 217 13.61 -3.36 -11.13
C ASP A 217 13.35 -2.43 -9.94
N VAL A 218 13.40 -2.99 -8.72
CA VAL A 218 13.19 -2.22 -7.50
C VAL A 218 14.13 -2.70 -6.41
N PRO A 219 14.22 -1.92 -5.33
CA PRO A 219 15.12 -2.39 -4.28
C PRO A 219 14.42 -3.52 -3.52
N LEU A 220 15.19 -4.50 -3.04
CA LEU A 220 14.63 -5.58 -2.24
C LEU A 220 14.29 -4.88 -0.93
N VAL A 221 13.12 -5.19 -0.36
CA VAL A 221 12.68 -4.61 0.90
C VAL A 221 12.10 -5.72 1.78
N VAL A 222 12.62 -5.89 2.99
CA VAL A 222 12.11 -6.95 3.83
C VAL A 222 12.04 -6.65 5.33
N ARG A 223 10.93 -7.07 5.93
CA ARG A 223 10.67 -6.89 7.36
C ARG A 223 11.34 -8.00 8.16
N GLU A 224 12.33 -7.65 8.96
CA GLU A 224 13.02 -8.62 9.77
C GLU A 224 12.48 -8.60 11.19
N VAL A 225 11.82 -9.69 11.60
CA VAL A 225 11.30 -9.82 12.96
C VAL A 225 12.23 -10.87 13.60
N SER A 226 13.04 -10.45 14.56
CA SER A 226 14.02 -11.33 15.17
C SER A 226 14.12 -11.14 16.68
N THR A 227 15.01 -11.90 17.32
CA THR A 227 15.22 -11.72 18.76
C THR A 227 16.07 -10.46 18.92
N TYR A 228 16.34 -10.05 20.16
CA TYR A 228 17.14 -8.86 20.41
C TYR A 228 18.42 -8.71 19.60
N SER A 229 18.65 -7.49 19.13
CA SER A 229 19.83 -7.15 18.32
C SER A 229 20.90 -6.49 19.17
N HIS A 230 21.98 -7.21 19.48
CA HIS A 230 23.08 -6.67 20.27
C HIS A 230 24.03 -5.86 19.39
N GLU A 231 24.13 -4.56 19.64
CA GLU A 231 25.03 -3.73 18.85
C GLU A 231 25.96 -2.94 19.76
N PRO A 232 27.27 -3.07 19.56
CA PRO A 232 28.28 -2.37 20.38
C PRO A 232 28.14 -0.84 20.41
N ALA A 241 21.32 -0.35 29.96
CA ALA A 241 21.84 -1.72 29.86
C ALA A 241 20.85 -2.69 30.51
N PRO A 242 20.13 -3.46 29.68
CA PRO A 242 19.13 -4.46 30.10
C PRO A 242 19.58 -5.24 31.33
N LEU A 243 20.83 -5.66 31.32
CA LEU A 243 21.43 -6.39 32.44
C LEU A 243 22.91 -6.01 32.37
N PRO A 244 23.64 -6.14 33.49
CA PRO A 244 25.08 -5.79 33.50
C PRO A 244 25.90 -6.60 32.49
N ASP A 245 25.58 -7.89 32.40
CA ASP A 245 26.27 -8.82 31.51
C ASP A 245 25.88 -8.62 30.05
N TRP A 246 24.98 -7.67 29.79
CA TRP A 246 24.54 -7.34 28.43
C TRP A 246 25.43 -6.22 27.90
N ALA A 247 26.12 -5.56 28.81
CA ALA A 247 27.01 -4.46 28.46
C ALA A 247 27.85 -4.76 27.22
N GLY A 248 27.64 -3.98 26.16
CA GLY A 248 28.39 -4.16 24.92
C GLY A 248 28.66 -5.60 24.49
N LEU A 249 27.63 -6.29 24.02
CA LEU A 249 27.77 -7.66 23.55
C LEU A 249 27.87 -7.66 22.05
N HIS A 250 28.66 -8.58 21.53
CA HIS A 250 28.86 -8.69 20.10
C HIS A 250 28.13 -9.95 19.62
N ASP A 251 27.05 -9.74 18.86
CA ASP A 251 26.22 -10.86 18.39
C ASP A 251 26.29 -11.04 16.87
N ASN A 252 27.08 -10.20 16.22
CA ASN A 252 27.25 -10.25 14.77
C ASN A 252 28.63 -10.80 14.46
N SER A 253 28.67 -11.96 13.80
CA SER A 253 29.95 -12.56 13.43
C SER A 253 30.02 -12.80 11.92
N PHE A 254 30.73 -11.92 11.23
CA PHE A 254 30.88 -11.97 9.78
C PHE A 254 32.06 -12.82 9.33
N VAL A 255 31.85 -13.64 8.30
CA VAL A 255 32.91 -14.46 7.77
C VAL A 255 34.09 -13.56 7.37
N ALA A 256 33.96 -12.82 6.26
CA ALA A 256 35.03 -11.93 5.80
C ALA A 256 35.34 -10.89 6.89
N ALA A 257 36.56 -10.97 7.43
CA ALA A 257 36.98 -10.06 8.48
C ALA A 257 36.79 -8.59 8.11
N ALA A 258 37.01 -8.25 6.84
CA ALA A 258 36.86 -6.87 6.36
C ALA A 258 35.47 -6.29 6.67
N ALA A 259 34.45 -7.13 6.55
CA ALA A 259 33.09 -6.73 6.81
C ALA A 259 32.92 -6.29 8.27
N ASN A 260 33.61 -6.98 9.18
CA ASN A 260 33.57 -6.71 10.62
C ASN A 260 33.99 -5.29 10.97
N SER A 261 35.05 -4.79 10.33
CA SER A 261 35.58 -3.45 10.58
C SER A 261 34.67 -2.37 10.04
N GLY A 262 33.57 -2.80 9.44
CA GLY A 262 32.66 -1.84 8.84
C GLY A 262 31.31 -1.71 9.49
N ARG A 263 30.56 -2.80 9.57
CA ARG A 263 29.22 -2.76 10.16
C ARG A 263 29.18 -1.76 11.31
N LEU A 264 30.31 -1.57 11.99
CA LEU A 264 30.42 -0.63 13.11
C LEU A 264 29.90 0.77 12.77
N ARG A 265 30.28 1.27 11.59
CA ARG A 265 29.79 2.56 11.13
C ARG A 265 30.15 2.81 9.67
N THR A 266 29.51 3.80 9.07
CA THR A 266 29.75 4.12 7.67
C THR A 266 30.50 5.45 7.54
N ALA A 267 31.66 5.40 6.91
CA ALA A 267 32.47 6.59 6.73
C ALA A 267 31.78 7.56 5.79
N ILE A 268 31.34 8.69 6.33
CA ILE A 268 30.66 9.71 5.55
C ILE A 268 31.53 10.96 5.54
N GLN A 269 31.79 11.50 4.37
CA GLN A 269 32.60 12.72 4.26
C GLN A 269 31.78 13.94 4.68
N ALA B 22 -30.67 -14.27 22.52
CA ALA B 22 -29.18 -14.21 22.62
C ALA B 22 -28.52 -15.27 21.73
N ARG B 23 -28.10 -14.87 20.52
CA ARG B 23 -27.45 -15.81 19.60
C ARG B 23 -26.34 -16.55 20.31
N THR B 24 -26.17 -17.81 19.95
CA THR B 24 -25.15 -18.64 20.59
C THR B 24 -24.13 -19.20 19.59
N SER B 25 -24.02 -18.57 18.44
CA SER B 25 -23.07 -19.01 17.43
C SER B 25 -23.17 -18.13 16.19
N VAL B 26 -22.13 -18.22 15.37
CA VAL B 26 -22.01 -17.46 14.14
C VAL B 26 -22.28 -18.42 12.97
N THR B 27 -23.12 -18.03 12.03
CA THR B 27 -23.41 -18.88 10.88
C THR B 27 -22.20 -19.00 9.96
N ARG B 28 -22.23 -20.01 9.09
CA ARG B 28 -21.12 -20.27 8.17
C ARG B 28 -20.84 -19.06 7.27
N ARG B 29 -21.90 -18.48 6.71
CA ARG B 29 -21.76 -17.32 5.85
C ARG B 29 -21.22 -16.14 6.65
N GLU B 30 -21.75 -15.92 7.85
CA GLU B 30 -21.29 -14.82 8.67
C GLU B 30 -19.80 -14.95 8.93
N TYR B 31 -19.36 -16.14 9.35
CA TYR B 31 -17.97 -16.34 9.64
C TYR B 31 -17.09 -16.16 8.42
N ASP B 32 -17.43 -16.86 7.34
CA ASP B 32 -16.64 -16.78 6.10
C ASP B 32 -16.47 -15.37 5.57
N GLU B 33 -17.58 -14.63 5.45
CA GLU B 33 -17.52 -13.25 4.99
C GLU B 33 -16.63 -12.42 5.94
N TRP B 34 -16.80 -12.64 7.24
CA TRP B 34 -16.03 -11.93 8.25
C TRP B 34 -14.54 -12.14 8.05
N LEU B 35 -14.11 -13.40 7.97
CA LEU B 35 -12.70 -13.66 7.76
C LEU B 35 -12.23 -13.43 6.32
N ASN B 36 -13.12 -13.53 5.35
CA ASN B 36 -12.71 -13.30 3.97
C ASN B 36 -12.49 -11.84 3.64
N GLU B 37 -13.24 -10.95 4.30
CA GLU B 37 -13.07 -9.52 4.08
C GLU B 37 -11.82 -9.17 4.81
N ALA B 38 -11.71 -9.72 6.01
CA ALA B 38 -10.56 -9.48 6.87
C ALA B 38 -9.27 -9.92 6.22
N ALA B 39 -9.30 -11.04 5.49
CA ALA B 39 -8.14 -11.59 4.79
C ALA B 39 -7.66 -10.70 3.64
N ALA B 40 -8.62 -10.24 2.83
CA ALA B 40 -8.34 -9.35 1.71
C ALA B 40 -7.85 -7.98 2.19
N LEU B 41 -8.47 -7.49 3.26
CA LEU B 41 -8.10 -6.22 3.86
C LEU B 41 -6.63 -6.31 4.30
N GLY B 42 -6.25 -7.48 4.79
CA GLY B 42 -4.88 -7.71 5.24
C GLY B 42 -3.89 -7.68 4.09
N ARG B 43 -4.11 -8.48 3.06
CA ARG B 43 -3.20 -8.52 1.92
C ARG B 43 -3.02 -7.11 1.33
N ALA B 44 -4.11 -6.36 1.27
CA ALA B 44 -4.07 -5.00 0.73
C ALA B 44 -3.14 -4.13 1.58
N LEU B 45 -3.21 -4.33 2.89
CA LEU B 45 -2.40 -3.57 3.81
C LEU B 45 -0.99 -4.14 3.82
N ARG B 46 -0.74 -5.03 2.86
CA ARG B 46 0.55 -5.69 2.68
C ARG B 46 1.00 -6.74 3.70
N TYR B 47 0.05 -7.42 4.36
CA TYR B 47 0.41 -8.48 5.31
C TYR B 47 0.29 -9.84 4.58
N PRO B 48 1.33 -10.70 4.69
CA PRO B 48 1.33 -12.01 4.03
C PRO B 48 0.32 -13.02 4.54
N VAL B 49 -0.96 -12.76 4.30
CA VAL B 49 -2.00 -13.66 4.73
C VAL B 49 -2.20 -14.68 3.63
N ARG B 50 -1.74 -15.90 3.88
CA ARG B 50 -1.89 -16.99 2.91
C ARG B 50 -3.16 -17.73 3.31
N PRO B 51 -3.86 -18.34 2.33
CA PRO B 51 -5.10 -19.08 2.62
C PRO B 51 -4.99 -20.11 3.73
N GLU B 52 -3.81 -20.67 3.90
CA GLU B 52 -3.60 -21.65 4.96
C GLU B 52 -4.04 -20.99 6.29
N MET B 53 -3.71 -19.70 6.45
CA MET B 53 -4.00 -18.92 7.68
C MET B 53 -5.45 -18.47 7.91
N VAL B 54 -6.23 -18.40 6.85
CA VAL B 54 -7.63 -18.02 6.93
C VAL B 54 -8.38 -19.32 7.20
N ASN B 55 -8.61 -19.59 8.49
CA ASN B 55 -9.27 -20.84 8.88
C ASN B 55 -10.33 -20.68 9.97
N ASP B 56 -10.98 -21.78 10.32
CA ASP B 56 -12.02 -21.76 11.33
C ASP B 56 -11.53 -21.47 12.73
N SER B 57 -10.39 -20.80 12.84
CA SER B 57 -9.83 -20.44 14.14
C SER B 57 -9.44 -18.96 14.22
N ALA B 58 -9.07 -18.36 13.09
CA ALA B 58 -8.70 -16.94 13.05
C ALA B 58 -9.83 -16.07 13.61
N GLY B 59 -11.07 -16.41 13.27
CA GLY B 59 -12.21 -15.66 13.78
C GLY B 59 -12.47 -16.03 15.23
N ILE B 60 -12.38 -15.04 16.12
CA ILE B 60 -12.60 -15.29 17.55
C ILE B 60 -13.70 -14.47 18.20
N VAL B 61 -14.51 -15.15 18.98
CA VAL B 61 -15.59 -14.54 19.73
C VAL B 61 -15.28 -14.89 21.20
N PHE B 62 -15.07 -13.86 22.01
CA PHE B 62 -14.71 -14.08 23.40
C PHE B 62 -15.87 -14.28 24.34
N GLY B 63 -16.45 -15.48 24.33
CA GLY B 63 -17.55 -15.76 25.22
C GLY B 63 -18.91 -15.95 24.56
N GLU B 64 -19.77 -16.72 25.22
CA GLU B 64 -21.12 -17.01 24.69
C GLU B 64 -21.92 -15.71 24.69
N ASP B 65 -21.56 -14.83 25.62
CA ASP B 65 -22.28 -13.57 25.74
C ASP B 65 -22.00 -12.69 24.54
N GLN B 66 -20.89 -12.93 23.87
CA GLN B 66 -20.51 -12.09 22.74
C GLN B 66 -20.96 -12.48 21.33
N TYR B 67 -21.69 -13.59 21.20
CA TYR B 67 -22.14 -13.99 19.87
C TYR B 67 -23.23 -13.06 19.35
N ASP B 68 -23.68 -12.16 20.23
CA ASP B 68 -24.69 -11.15 19.92
C ASP B 68 -24.10 -10.07 19.03
N ALA B 69 -22.80 -10.18 18.78
CA ALA B 69 -22.11 -9.21 17.95
C ALA B 69 -22.65 -9.36 16.54
N PHE B 70 -22.98 -10.60 16.20
CA PHE B 70 -23.48 -10.94 14.88
C PHE B 70 -24.98 -10.79 14.72
N GLU B 71 -25.65 -10.30 15.76
CA GLU B 71 -27.07 -10.09 15.65
C GLU B 71 -27.31 -8.85 14.81
N ASN B 72 -26.41 -7.88 14.90
CA ASN B 72 -26.54 -6.65 14.13
C ASN B 72 -25.41 -6.46 13.13
N GLY B 73 -24.35 -7.25 13.29
CA GLY B 73 -23.24 -7.15 12.38
C GLY B 73 -22.01 -6.52 12.99
N LEU B 74 -20.88 -6.67 12.29
CA LEU B 74 -19.61 -6.11 12.74
C LEU B 74 -19.57 -4.63 12.51
N TRP B 75 -20.48 -4.11 11.70
CA TRP B 75 -20.49 -2.68 11.50
C TRP B 75 -21.59 -2.03 12.33
N SER B 76 -22.10 -2.77 13.30
CA SER B 76 -23.16 -2.22 14.15
C SER B 76 -22.60 -1.16 15.08
N ARG B 77 -21.29 -1.19 15.30
CA ARG B 77 -20.63 -0.22 16.17
C ARG B 77 -20.98 -0.45 17.66
N GLU B 78 -21.44 -1.66 17.97
CA GLU B 78 -21.79 -1.98 19.33
C GLU B 78 -20.61 -2.63 20.07
N PRO B 79 -20.54 -2.45 21.40
CA PRO B 79 -19.47 -3.00 22.24
C PRO B 79 -19.52 -4.51 22.47
N TYR B 80 -18.65 -5.23 21.77
CA TYR B 80 -18.59 -6.67 21.92
C TYR B 80 -17.14 -7.14 21.85
N GLU B 81 -16.86 -8.29 22.45
CA GLU B 81 -15.51 -8.82 22.43
C GLU B 81 -15.36 -9.82 21.28
N ALA B 82 -14.70 -9.41 20.20
CA ALA B 82 -14.51 -10.28 19.05
C ALA B 82 -13.39 -9.76 18.16
N MET B 83 -12.80 -10.66 17.36
CA MET B 83 -11.70 -10.27 16.48
C MET B 83 -11.18 -11.43 15.64
N VAL B 84 -10.38 -11.09 14.63
CA VAL B 84 -9.75 -12.09 13.75
C VAL B 84 -8.24 -11.97 13.90
N ILE B 85 -7.54 -13.11 13.92
CA ILE B 85 -6.11 -13.09 14.06
C ILE B 85 -5.43 -14.01 13.05
N PHE B 86 -4.71 -13.44 12.10
CA PHE B 86 -4.00 -14.25 11.12
C PHE B 86 -2.57 -14.31 11.59
N GLU B 87 -2.12 -15.51 11.97
CA GLU B 87 -0.77 -15.70 12.45
C GLU B 87 0.15 -16.22 11.34
N SER B 88 1.17 -15.44 11.01
CA SER B 88 2.11 -15.81 9.96
C SER B 88 3.33 -16.53 10.54
N LEU B 89 3.65 -16.26 11.80
CA LEU B 89 4.79 -16.91 12.42
C LEU B 89 4.58 -17.13 13.90
N ASN B 90 5.21 -18.17 14.42
CA ASN B 90 5.12 -18.52 15.83
C ASN B 90 6.26 -19.50 16.05
N GLU B 91 7.47 -19.01 15.84
CA GLU B 91 8.69 -19.81 15.99
C GLU B 91 9.08 -19.94 17.46
N PRO B 92 9.30 -21.18 17.94
CA PRO B 92 9.70 -21.41 19.33
C PRO B 92 11.07 -20.81 19.67
N ALA B 93 11.97 -20.81 18.71
CA ALA B 93 13.31 -20.27 18.95
C ALA B 93 14.07 -21.17 19.93
N VAL B 94 13.87 -22.47 19.82
CA VAL B 94 14.55 -23.43 20.68
C VAL B 94 15.90 -23.84 20.09
N ASP B 95 15.91 -24.18 18.81
CA ASP B 95 17.12 -24.58 18.12
C ASP B 95 18.25 -23.58 18.37
N GLY B 96 19.41 -24.11 18.75
CA GLY B 96 20.56 -23.26 18.98
C GLY B 96 20.66 -22.66 20.36
N LEU B 97 19.64 -22.89 21.19
CA LEU B 97 19.65 -22.37 22.55
C LEU B 97 20.38 -23.34 23.48
N PRO B 98 21.17 -22.81 24.42
CA PRO B 98 21.92 -23.63 25.37
C PRO B 98 20.98 -24.53 26.15
N ALA B 99 21.33 -25.80 26.28
CA ALA B 99 20.51 -26.76 27.03
C ALA B 99 20.03 -26.18 28.36
N ALA B 100 20.92 -25.46 29.05
CA ALA B 100 20.61 -24.85 30.34
C ALA B 100 19.56 -23.74 30.29
N GLY B 101 19.08 -23.44 29.10
CA GLY B 101 18.08 -22.40 28.95
C GLY B 101 16.66 -22.94 28.72
N ALA B 102 16.52 -24.25 28.60
CA ALA B 102 15.22 -24.88 28.39
C ALA B 102 14.15 -24.43 29.40
N PRO B 103 14.52 -24.31 30.68
CA PRO B 103 13.50 -23.87 31.64
C PRO B 103 12.81 -22.53 31.31
N PHE B 104 13.56 -21.62 30.71
CA PHE B 104 13.04 -20.29 30.39
C PHE B 104 12.76 -20.06 28.91
N ALA B 105 12.92 -21.09 28.09
CA ALA B 105 12.73 -20.93 26.65
C ALA B 105 11.32 -20.51 26.25
N GLU B 106 10.35 -20.76 27.14
CA GLU B 106 8.97 -20.41 26.84
C GLU B 106 8.70 -18.93 26.94
N TYR B 107 9.59 -18.23 27.62
CA TYR B 107 9.48 -16.78 27.79
C TYR B 107 10.02 -16.05 26.54
N SER B 108 10.55 -16.82 25.59
CA SER B 108 11.09 -16.27 24.35
C SER B 108 10.25 -16.73 23.16
N GLY B 109 10.86 -16.83 21.98
CA GLY B 109 10.11 -17.23 20.79
C GLY B 109 9.69 -16.05 19.94
N LEU B 110 9.20 -16.30 18.73
CA LEU B 110 8.80 -15.22 17.83
C LEU B 110 7.44 -15.43 17.19
N CYS B 111 6.50 -14.56 17.56
CA CYS B 111 5.13 -14.62 17.04
C CYS B 111 4.87 -13.36 16.24
N ASP B 112 4.25 -13.54 15.08
CA ASP B 112 3.92 -12.44 14.20
C ASP B 112 2.50 -12.64 13.71
N LYS B 113 1.62 -11.70 14.03
CA LYS B 113 0.24 -11.83 13.62
C LYS B 113 -0.42 -10.49 13.38
N LEU B 114 -1.39 -10.48 12.47
CA LEU B 114 -2.13 -9.27 12.13
C LEU B 114 -3.47 -9.49 12.82
N MET B 115 -4.05 -8.42 13.37
CA MET B 115 -5.34 -8.51 14.05
C MET B 115 -6.31 -7.50 13.47
N ILE B 116 -7.57 -7.91 13.30
CA ILE B 116 -8.56 -7.01 12.78
C ILE B 116 -9.73 -6.89 13.76
N VAL B 117 -9.95 -5.65 14.20
CA VAL B 117 -11.01 -5.31 15.15
C VAL B 117 -11.93 -4.28 14.52
N HIS B 118 -13.23 -4.57 14.46
CA HIS B 118 -14.20 -3.64 13.87
C HIS B 118 -14.65 -2.55 14.84
N PRO B 119 -15.21 -1.44 14.31
CA PRO B 119 -15.67 -0.33 15.14
C PRO B 119 -16.47 -0.74 16.38
N GLY B 120 -16.02 -0.28 17.54
CA GLY B 120 -16.72 -0.60 18.76
C GLY B 120 -16.36 -1.91 19.40
N LYS B 121 -15.74 -2.80 18.65
CA LYS B 121 -15.35 -4.10 19.19
C LYS B 121 -14.07 -4.08 20.05
N PHE B 122 -13.94 -5.04 20.97
CA PHE B 122 -12.77 -5.13 21.84
C PHE B 122 -12.01 -6.45 21.75
N CYS B 123 -10.85 -6.45 22.41
CA CYS B 123 -9.98 -7.63 22.60
C CYS B 123 -9.99 -7.55 24.12
N PRO B 124 -10.82 -8.36 24.77
CA PRO B 124 -11.01 -8.45 26.21
C PRO B 124 -9.80 -8.34 27.13
N PRO B 125 -10.01 -7.81 28.35
CA PRO B 125 -8.93 -7.65 29.33
C PRO B 125 -8.30 -9.01 29.65
N HIS B 126 -6.98 -9.08 29.54
CA HIS B 126 -6.22 -10.29 29.79
C HIS B 126 -4.76 -9.94 29.99
N TYR B 127 -3.99 -10.88 30.52
CA TYR B 127 -2.56 -10.70 30.70
C TYR B 127 -1.90 -12.04 30.41
N HIS B 128 -0.63 -12.01 30.02
CA HIS B 128 0.10 -13.22 29.70
C HIS B 128 1.23 -13.32 30.68
N GLN B 129 1.54 -14.55 31.11
CA GLN B 129 2.61 -14.75 32.05
C GLN B 129 3.98 -14.74 31.37
N ARG B 130 4.01 -15.26 30.15
CA ARG B 130 5.28 -15.34 29.41
C ARG B 130 5.42 -14.38 28.24
N LYS B 131 4.34 -14.20 27.49
CA LYS B 131 4.35 -13.34 26.31
C LYS B 131 4.48 -11.84 26.54
N THR B 132 5.33 -11.22 25.72
CA THR B 132 5.52 -9.78 25.75
C THR B 132 5.18 -9.38 24.31
N GLU B 133 4.30 -8.39 24.18
CA GLU B 133 3.83 -7.95 22.88
C GLU B 133 4.24 -6.55 22.47
N SER B 134 4.18 -6.26 21.17
CA SER B 134 4.47 -4.93 20.62
C SER B 134 3.36 -4.69 19.60
N TYR B 135 2.95 -3.44 19.46
CA TYR B 135 1.88 -3.10 18.54
C TYR B 135 2.30 -2.12 17.47
N GLU B 136 1.80 -2.32 16.27
CA GLU B 136 2.10 -1.44 15.15
C GLU B 136 0.79 -1.26 14.41
N VAL B 137 0.20 -0.07 14.51
CA VAL B 137 -1.05 0.18 13.82
C VAL B 137 -0.84 0.27 12.32
N VAL B 138 -1.55 -0.57 11.59
CA VAL B 138 -1.44 -0.61 10.15
C VAL B 138 -2.53 0.25 9.55
N LEU B 139 -3.72 0.15 10.14
CA LEU B 139 -4.89 0.88 9.68
C LEU B 139 -5.84 1.24 10.82
N GLY B 140 -6.28 2.49 10.85
CA GLY B 140 -7.21 2.91 11.87
C GLY B 140 -6.53 3.47 13.09
N GLU B 141 -7.25 3.46 14.21
CA GLU B 141 -6.70 3.93 15.46
C GLU B 141 -7.02 2.91 16.53
N MET B 142 -6.04 2.66 17.37
CA MET B 142 -6.16 1.67 18.43
C MET B 142 -6.23 2.33 19.81
N GLU B 143 -7.31 2.05 20.54
CA GLU B 143 -7.49 2.59 21.87
C GLU B 143 -7.05 1.50 22.82
N LEU B 144 -5.82 1.60 23.29
CA LEU B 144 -5.25 0.61 24.20
C LEU B 144 -5.52 0.93 25.67
N PHE B 145 -5.98 -0.08 26.41
CA PHE B 145 -6.27 0.03 27.83
C PHE B 145 -5.38 -0.98 28.54
N TYR B 146 -4.80 -0.57 29.68
CA TYR B 146 -3.95 -1.48 30.44
C TYR B 146 -3.68 -1.03 31.85
N SER B 147 -3.14 -1.97 32.65
CA SER B 147 -2.80 -1.72 34.03
C SER B 147 -1.30 -1.43 34.06
N PRO B 148 -0.91 -0.31 34.70
CA PRO B 148 0.51 0.10 34.82
C PRO B 148 1.34 -0.82 35.71
N LYS B 149 0.66 -1.61 36.55
CA LYS B 149 1.35 -2.54 37.41
C LYS B 149 1.16 -3.97 36.93
N PRO B 150 2.24 -4.76 36.96
CA PRO B 150 2.16 -6.15 36.51
C PRO B 150 1.50 -6.98 37.62
N VAL B 151 1.19 -8.24 37.35
CA VAL B 151 0.60 -9.05 38.39
C VAL B 151 1.68 -9.95 38.93
N GLN B 152 1.49 -10.34 40.19
CA GLN B 152 2.42 -11.21 40.90
C GLN B 152 2.08 -12.67 40.61
N VAL B 153 2.69 -13.25 39.59
CA VAL B 153 2.44 -14.63 39.19
C VAL B 153 3.37 -15.59 39.93
N GLY B 154 2.93 -16.07 41.10
CA GLY B 154 3.74 -17.00 41.86
C GLY B 154 4.70 -16.29 42.80
N GLU B 155 5.24 -17.03 43.76
CA GLU B 155 6.17 -16.50 44.75
C GLU B 155 7.57 -16.23 44.17
N GLU B 156 7.80 -16.71 42.94
CA GLU B 156 9.11 -16.55 42.28
C GLU B 156 9.51 -15.09 42.07
N GLU B 157 10.83 -14.86 41.99
CA GLU B 157 11.32 -13.50 41.80
C GLU B 157 11.46 -13.11 40.32
N VAL B 158 11.01 -11.91 39.97
CA VAL B 158 11.08 -11.44 38.57
C VAL B 158 11.96 -10.22 38.35
N LEU B 159 12.49 -10.14 37.13
CA LEU B 159 13.37 -9.06 36.69
C LEU B 159 12.60 -7.80 36.37
N SER B 160 13.31 -6.68 36.32
CA SER B 160 12.74 -5.38 36.00
C SER B 160 13.71 -4.62 35.09
N PHE B 161 13.26 -3.50 34.53
CA PHE B 161 14.10 -2.67 33.67
C PHE B 161 13.36 -1.41 33.20
N THR B 162 12.50 -1.56 32.20
CA THR B 162 11.74 -0.44 31.64
C THR B 162 10.29 -0.39 32.13
N GLY B 163 9.75 -1.55 32.51
CA GLY B 163 8.38 -1.63 32.99
C GLY B 163 7.38 -0.94 32.07
N MET B 164 6.19 -0.72 32.58
CA MET B 164 5.16 -0.05 31.81
C MET B 164 4.92 1.35 32.37
N HIS B 165 5.02 2.35 31.50
CA HIS B 165 4.80 3.75 31.87
C HIS B 165 3.35 3.88 32.34
N GLU B 166 2.98 5.06 32.82
CA GLU B 166 1.63 5.31 33.32
C GLU B 166 0.58 5.49 32.24
N GLY B 167 0.82 6.42 31.32
CA GLY B 167 -0.14 6.63 30.26
C GLY B 167 -1.16 7.71 30.59
N SER B 168 -2.32 7.65 29.96
CA SER B 168 -3.34 8.67 30.16
C SER B 168 -4.70 8.18 30.63
N PRO B 169 -5.57 9.11 31.02
CA PRO B 169 -6.91 8.76 31.48
C PRO B 169 -7.76 8.36 30.26
N TRP B 170 -8.72 7.48 30.49
CA TRP B 170 -9.58 7.04 29.41
C TRP B 170 -10.34 8.22 28.82
N PRO B 171 -10.60 8.20 27.51
CA PRO B 171 -11.34 9.33 26.95
C PRO B 171 -12.80 9.08 27.32
N ASP B 172 -13.61 10.12 27.39
CA ASP B 172 -15.00 9.90 27.76
C ASP B 172 -15.83 9.18 26.69
N GLY B 173 -16.79 8.38 27.13
CA GLY B 173 -17.64 7.69 26.19
C GLY B 173 -17.20 6.35 25.64
N VAL B 174 -16.30 5.64 26.34
CA VAL B 174 -15.90 4.34 25.84
C VAL B 174 -16.93 3.31 26.30
N ALA B 175 -17.80 2.91 25.36
CA ALA B 175 -18.82 1.93 25.66
C ALA B 175 -18.21 0.54 25.78
N LEU B 176 -18.38 -0.08 26.94
CA LEU B 176 -17.85 -1.43 27.17
C LEU B 176 -18.94 -2.50 27.02
N PRO B 177 -18.57 -3.72 26.58
CA PRO B 177 -19.58 -4.75 26.42
C PRO B 177 -20.36 -4.99 27.72
N ILE B 178 -21.68 -5.06 27.61
CA ILE B 178 -22.53 -5.27 28.75
C ILE B 178 -22.24 -6.58 29.42
N GLY B 179 -22.11 -6.53 30.74
CA GLY B 179 -21.84 -7.73 31.52
C GLY B 179 -20.36 -7.98 31.69
N ARG B 180 -19.55 -7.19 31.00
CA ARG B 180 -18.10 -7.33 31.07
C ARG B 180 -17.53 -6.04 31.64
N GLU B 181 -18.42 -5.11 31.95
CA GLU B 181 -18.04 -3.82 32.48
C GLU B 181 -16.91 -3.90 33.50
N GLU B 182 -17.02 -4.83 34.43
CA GLU B 182 -16.02 -4.99 35.47
C GLU B 182 -14.62 -5.33 35.01
N SER B 183 -14.50 -6.35 34.18
CA SER B 183 -13.21 -6.83 33.68
C SER B 183 -12.22 -5.76 33.20
N TYR B 184 -12.72 -4.54 32.99
CA TYR B 184 -11.88 -3.43 32.52
C TYR B 184 -11.39 -2.52 33.66
N ALA B 185 -12.00 -2.65 34.83
CA ALA B 185 -11.65 -1.84 36.00
C ALA B 185 -10.14 -1.64 36.23
N ALA B 186 -9.44 -2.75 36.42
CA ALA B 186 -8.00 -2.72 36.68
C ALA B 186 -7.16 -2.10 35.55
N LEU B 187 -7.73 -1.96 34.35
CA LEU B 187 -6.98 -1.40 33.24
C LEU B 187 -7.13 0.11 33.13
N THR B 188 -6.66 0.81 34.18
CA THR B 188 -6.75 2.28 34.31
C THR B 188 -5.97 3.17 33.34
N SER B 189 -4.90 2.63 32.76
CA SER B 189 -4.09 3.39 31.82
C SER B 189 -4.65 3.32 30.41
N TYR B 190 -4.61 4.45 29.72
CA TYR B 190 -5.09 4.58 28.36
C TYR B 190 -3.95 4.90 27.42
N ARG B 191 -4.20 4.76 26.12
CA ARG B 191 -3.20 5.03 25.10
C ARG B 191 -3.83 4.96 23.72
N ARG B 192 -3.60 5.98 22.89
CA ARG B 192 -4.14 5.98 21.54
C ARG B 192 -3.00 5.86 20.55
N LEU B 193 -2.85 4.68 19.98
CA LEU B 193 -1.79 4.41 19.00
C LEU B 193 -2.29 4.54 17.54
N ARG B 194 -1.55 5.29 16.75
CA ARG B 194 -1.92 5.53 15.35
C ARG B 194 -0.84 5.03 14.41
N VAL B 195 -1.18 4.98 13.13
CA VAL B 195 -0.26 4.55 12.09
C VAL B 195 0.91 5.53 12.06
N GLY B 196 2.13 5.02 12.08
CA GLY B 196 3.30 5.89 12.06
C GLY B 196 3.96 6.04 13.43
N ASP B 197 3.18 5.94 14.50
CA ASP B 197 3.69 6.09 15.86
C ASP B 197 4.81 5.09 16.15
N PRO B 198 5.46 5.24 17.33
CA PRO B 198 6.54 4.35 17.74
C PRO B 198 5.96 2.99 18.07
N LYS B 199 6.81 1.96 18.08
CA LYS B 199 6.41 0.61 18.41
C LYS B 199 5.98 0.69 19.85
N PHE B 200 4.85 0.08 20.19
CA PHE B 200 4.39 0.09 21.57
C PHE B 200 4.59 -1.30 22.20
N VAL B 201 5.36 -1.34 23.29
CA VAL B 201 5.66 -2.59 23.99
C VAL B 201 4.76 -2.82 25.22
N MET B 202 4.18 -4.01 25.29
CA MET B 202 3.32 -4.43 26.40
C MET B 202 3.96 -5.63 27.08
N HIS B 203 4.65 -5.36 28.19
CA HIS B 203 5.33 -6.41 28.93
C HIS B 203 4.41 -7.48 29.47
N ARG B 204 4.93 -8.69 29.52
CA ARG B 204 4.21 -9.83 30.08
C ARG B 204 3.73 -9.42 31.49
N LYS B 205 2.78 -10.17 32.05
CA LYS B 205 2.28 -9.86 33.39
C LYS B 205 1.49 -8.56 33.49
N HIS B 206 1.18 -7.93 32.36
CA HIS B 206 0.43 -6.68 32.38
C HIS B 206 -0.96 -6.86 31.79
N LEU B 207 -1.96 -6.35 32.50
CA LEU B 207 -3.34 -6.47 32.03
C LEU B 207 -3.57 -5.52 30.87
N HIS B 208 -3.95 -6.07 29.73
CA HIS B 208 -4.17 -5.25 28.55
C HIS B 208 -5.49 -5.54 27.86
N ALA B 209 -5.85 -4.65 26.95
CA ALA B 209 -7.08 -4.76 26.17
C ALA B 209 -7.18 -3.52 25.32
N PHE B 210 -7.54 -3.69 24.05
CA PHE B 210 -7.70 -2.57 23.12
C PHE B 210 -9.01 -2.68 22.35
N ARG B 211 -9.38 -1.59 21.70
CA ARG B 211 -10.60 -1.55 20.91
C ARG B 211 -10.44 -0.61 19.72
N CYS B 212 -11.34 -0.76 18.76
CA CYS B 212 -11.36 0.12 17.60
C CYS B 212 -12.45 1.14 17.99
N PRO B 213 -12.15 2.46 17.93
CA PRO B 213 -13.13 3.49 18.28
C PRO B 213 -14.46 3.19 17.59
N ALA B 214 -15.54 3.16 18.38
CA ALA B 214 -16.86 2.84 17.85
C ALA B 214 -17.30 3.65 16.62
N ASP B 215 -16.82 4.88 16.49
CA ASP B 215 -17.20 5.70 15.34
C ASP B 215 -16.14 5.69 14.23
N SER B 216 -15.41 4.59 14.14
CA SER B 216 -14.38 4.40 13.14
C SER B 216 -15.03 4.22 11.78
N ASP B 217 -14.28 4.54 10.74
CA ASP B 217 -14.74 4.44 9.37
C ASP B 217 -14.14 3.16 8.70
N VAL B 218 -13.15 2.57 9.36
CA VAL B 218 -12.51 1.36 8.87
C VAL B 218 -12.23 0.42 10.03
N PRO B 219 -11.87 -0.83 9.73
CA PRO B 219 -11.59 -1.71 10.86
C PRO B 219 -10.19 -1.38 11.40
N LEU B 220 -9.97 -1.50 12.70
CA LEU B 220 -8.62 -1.25 13.21
C LEU B 220 -7.86 -2.48 12.72
N VAL B 221 -6.60 -2.28 12.33
CA VAL B 221 -5.76 -3.37 11.86
C VAL B 221 -4.35 -3.15 12.43
N VAL B 222 -3.83 -4.15 13.14
CA VAL B 222 -2.52 -3.96 13.74
C VAL B 222 -1.62 -5.18 13.74
N ARG B 223 -0.33 -4.94 13.43
CA ARG B 223 0.70 -5.98 13.41
C ARG B 223 1.24 -6.22 14.81
N GLU B 224 1.00 -7.42 15.33
CA GLU B 224 1.48 -7.77 16.66
C GLU B 224 2.73 -8.61 16.53
N VAL B 225 3.85 -8.07 17.01
CA VAL B 225 5.11 -8.79 17.01
C VAL B 225 5.39 -9.07 18.48
N SER B 226 5.32 -10.33 18.87
CA SER B 226 5.52 -10.66 20.27
C SER B 226 6.32 -11.92 20.46
N THR B 227 6.45 -12.36 21.71
CA THR B 227 7.18 -13.59 22.01
C THR B 227 6.23 -14.76 21.68
N TYR B 228 6.72 -15.99 21.80
CA TYR B 228 5.91 -17.18 21.48
C TYR B 228 4.51 -17.17 22.05
N SER B 229 3.53 -17.52 21.22
CA SER B 229 2.14 -17.56 21.64
C SER B 229 1.70 -19.01 21.93
N HIS B 230 1.50 -19.33 23.20
CA HIS B 230 1.10 -20.67 23.58
C HIS B 230 -0.41 -20.88 23.50
N GLU B 231 -0.85 -21.78 22.62
CA GLU B 231 -2.28 -22.04 22.49
C GLU B 231 -2.58 -23.52 22.69
N PRO B 232 -3.54 -23.83 23.58
CA PRO B 232 -3.95 -25.20 23.90
C PRO B 232 -4.39 -25.99 22.66
N ALA B 241 6.02 -30.48 19.65
CA ALA B 241 6.18 -29.86 20.96
C ALA B 241 7.63 -29.39 21.16
N PRO B 242 7.87 -28.06 21.11
CA PRO B 242 9.19 -27.44 21.27
C PRO B 242 10.04 -28.09 22.34
N LEU B 243 9.41 -28.40 23.47
CA LEU B 243 10.06 -29.07 24.59
C LEU B 243 8.91 -29.82 25.27
N PRO B 244 9.21 -30.87 26.06
CA PRO B 244 8.19 -31.67 26.75
C PRO B 244 7.29 -30.82 27.68
N ASP B 245 7.94 -29.94 28.44
CA ASP B 245 7.25 -29.09 29.38
C ASP B 245 6.51 -27.92 28.73
N TRP B 246 6.52 -27.89 27.40
CA TRP B 246 5.81 -26.85 26.65
C TRP B 246 4.45 -27.44 26.26
N ALA B 247 4.31 -28.75 26.42
CA ALA B 247 3.07 -29.47 26.10
C ALA B 247 1.82 -28.75 26.65
N GLY B 248 0.96 -28.31 25.74
CA GLY B 248 -0.27 -27.61 26.13
C GLY B 248 -0.12 -26.64 27.29
N LEU B 249 0.48 -25.48 27.01
CA LEU B 249 0.66 -24.44 28.02
C LEU B 249 -0.39 -23.38 27.82
N HIS B 250 -0.88 -22.83 28.94
CA HIS B 250 -1.89 -21.79 28.89
C HIS B 250 -1.21 -20.47 29.23
N ASP B 251 -1.10 -19.58 28.26
CA ASP B 251 -0.44 -18.30 28.50
C ASP B 251 -1.40 -17.12 28.35
N ASN B 252 -2.68 -17.43 28.14
CA ASN B 252 -3.70 -16.42 27.99
C ASN B 252 -4.59 -16.45 29.23
N SER B 253 -4.58 -15.35 29.99
CA SER B 253 -5.38 -15.26 31.22
C SER B 253 -6.32 -14.07 31.17
N PHE B 254 -7.59 -14.33 30.86
CA PHE B 254 -8.64 -13.33 30.74
C PHE B 254 -9.34 -12.97 32.04
N VAL B 255 -9.55 -11.68 32.30
CA VAL B 255 -10.26 -11.26 33.52
C VAL B 255 -11.62 -11.97 33.56
N ALA B 256 -12.56 -11.49 32.74
CA ALA B 256 -13.89 -12.09 32.69
C ALA B 256 -13.81 -13.57 32.33
N ALA B 257 -14.20 -14.43 33.26
CA ALA B 257 -14.16 -15.88 33.06
C ALA B 257 -14.84 -16.31 31.78
N ALA B 258 -15.96 -15.68 31.44
CA ALA B 258 -16.72 -16.01 30.24
C ALA B 258 -15.87 -15.97 28.98
N ALA B 259 -14.98 -15.00 28.91
CA ALA B 259 -14.08 -14.85 27.79
C ALA B 259 -13.20 -16.09 27.61
N ASN B 260 -12.77 -16.67 28.73
CA ASN B 260 -11.92 -17.86 28.76
C ASN B 260 -12.51 -19.06 28.04
N SER B 261 -13.81 -19.33 28.26
CA SER B 261 -14.48 -20.47 27.64
C SER B 261 -14.73 -20.26 26.17
N GLY B 262 -14.25 -19.13 25.65
CA GLY B 262 -14.46 -18.81 24.25
C GLY B 262 -13.22 -18.81 23.38
N ARG B 263 -12.24 -17.96 23.71
CA ARG B 263 -11.00 -17.87 22.92
C ARG B 263 -10.63 -19.24 22.36
N LEU B 264 -10.99 -20.31 23.07
CA LEU B 264 -10.71 -21.69 22.67
C LEU B 264 -11.17 -21.98 21.25
N ARG B 265 -12.39 -21.56 20.91
CA ARG B 265 -12.93 -21.79 19.58
C ARG B 265 -14.18 -20.95 19.34
N THR B 266 -14.55 -20.76 18.08
CA THR B 266 -15.75 -20.00 17.77
C THR B 266 -16.83 -20.93 17.24
N ALA B 267 -17.98 -20.93 17.91
CA ALA B 267 -19.10 -21.76 17.52
C ALA B 267 -19.66 -21.31 16.18
N ILE B 268 -19.45 -22.14 15.15
CA ILE B 268 -19.97 -21.83 13.83
C ILE B 268 -21.01 -22.87 13.46
N GLN B 269 -22.16 -22.39 13.00
CA GLN B 269 -23.26 -23.28 12.62
C GLN B 269 -22.99 -23.91 11.26
N ALA C 22 -36.95 -16.34 -4.46
CA ALA C 22 -36.09 -15.33 -5.15
C ALA C 22 -36.14 -13.98 -4.45
N ARG C 23 -35.13 -13.71 -3.60
CA ARG C 23 -35.05 -12.44 -2.87
C ARG C 23 -35.21 -11.28 -3.86
N THR C 24 -35.84 -10.21 -3.38
CA THR C 24 -36.11 -9.06 -4.23
C THR C 24 -35.52 -7.78 -3.68
N SER C 25 -34.56 -7.92 -2.78
CA SER C 25 -33.93 -6.75 -2.20
C SER C 25 -32.83 -7.18 -1.25
N VAL C 26 -31.96 -6.21 -0.92
CA VAL C 26 -30.86 -6.44 -0.01
C VAL C 26 -31.19 -5.73 1.30
N THR C 27 -30.95 -6.39 2.42
CA THR C 27 -31.26 -5.81 3.71
C THR C 27 -30.27 -4.71 4.06
N ARG C 28 -30.65 -3.86 5.00
CA ARG C 28 -29.81 -2.75 5.40
C ARG C 28 -28.42 -3.19 5.85
N ARG C 29 -28.39 -4.23 6.68
CA ARG C 29 -27.12 -4.75 7.18
C ARG C 29 -26.31 -5.30 6.01
N GLU C 30 -26.95 -6.10 5.15
CA GLU C 30 -26.25 -6.65 4.00
C GLU C 30 -25.60 -5.53 3.20
N TYR C 31 -26.39 -4.53 2.83
CA TYR C 31 -25.90 -3.41 2.06
C TYR C 31 -24.72 -2.69 2.72
N ASP C 32 -24.95 -2.23 3.96
CA ASP C 32 -23.95 -1.50 4.71
C ASP C 32 -22.63 -2.24 4.84
N GLU C 33 -22.69 -3.50 5.27
CA GLU C 33 -21.50 -4.30 5.40
C GLU C 33 -20.80 -4.44 4.05
N TRP C 34 -21.59 -4.65 3.00
CA TRP C 34 -21.07 -4.79 1.65
C TRP C 34 -20.27 -3.56 1.23
N LEU C 35 -20.86 -2.39 1.37
CA LEU C 35 -20.18 -1.16 1.02
C LEU C 35 -19.13 -0.70 2.03
N ASN C 36 -19.31 -1.07 3.30
CA ASN C 36 -18.36 -0.68 4.32
C ASN C 36 -17.06 -1.47 4.26
N GLU C 37 -17.14 -2.73 3.85
CA GLU C 37 -15.93 -3.55 3.68
C GLU C 37 -15.27 -3.05 2.41
N ALA C 38 -16.10 -2.82 1.39
CA ALA C 38 -15.63 -2.34 0.11
C ALA C 38 -14.92 -1.01 0.25
N ALA C 39 -15.45 -0.12 1.08
CA ALA C 39 -14.88 1.21 1.29
C ALA C 39 -13.50 1.15 1.94
N ALA C 40 -13.36 0.34 2.99
CA ALA C 40 -12.11 0.21 3.70
C ALA C 40 -11.06 -0.50 2.82
N LEU C 41 -11.50 -1.48 2.05
CA LEU C 41 -10.58 -2.20 1.17
C LEU C 41 -10.03 -1.20 0.16
N GLY C 42 -10.88 -0.23 -0.21
CA GLY C 42 -10.47 0.80 -1.14
C GLY C 42 -9.38 1.70 -0.57
N ARG C 43 -9.64 2.33 0.59
CA ARG C 43 -8.64 3.21 1.21
C ARG C 43 -7.32 2.44 1.41
N ALA C 44 -7.41 1.18 1.81
CA ALA C 44 -6.20 0.40 2.02
C ALA C 44 -5.41 0.28 0.72
N LEU C 45 -6.12 0.12 -0.38
CA LEU C 45 -5.47 0.00 -1.67
C LEU C 45 -5.12 1.40 -2.18
N ARG C 46 -5.25 2.36 -1.28
CA ARG C 46 -4.90 3.77 -1.50
C ARG C 46 -5.81 4.60 -2.38
N TYR C 47 -7.09 4.24 -2.45
CA TYR C 47 -8.06 5.01 -3.24
C TYR C 47 -8.78 6.03 -2.32
N PRO C 48 -8.83 7.33 -2.72
CA PRO C 48 -9.49 8.37 -1.91
C PRO C 48 -11.00 8.24 -1.72
N VAL C 49 -11.42 7.17 -1.02
CA VAL C 49 -12.84 6.95 -0.77
C VAL C 49 -13.22 7.73 0.48
N ARG C 50 -13.93 8.83 0.29
CA ARG C 50 -14.38 9.66 1.39
C ARG C 50 -15.78 9.18 1.71
N PRO C 51 -16.24 9.32 2.97
CA PRO C 51 -17.56 8.89 3.40
C PRO C 51 -18.70 9.42 2.56
N GLU C 52 -18.52 10.62 1.99
CA GLU C 52 -19.57 11.18 1.16
C GLU C 52 -19.89 10.19 0.03
N MET C 53 -18.84 9.53 -0.48
CA MET C 53 -18.94 8.55 -1.59
C MET C 53 -19.54 7.21 -1.27
N VAL C 54 -19.48 6.81 0.00
CA VAL C 54 -20.05 5.54 0.45
C VAL C 54 -21.50 5.84 0.77
N ASN C 55 -22.37 5.62 -0.22
CA ASN C 55 -23.81 5.92 -0.07
C ASN C 55 -24.74 4.84 -0.63
N ASP C 56 -26.04 5.07 -0.47
CA ASP C 56 -27.04 4.13 -0.92
C ASP C 56 -27.16 4.03 -2.43
N SER C 57 -26.06 4.32 -3.13
CA SER C 57 -26.03 4.22 -4.58
C SER C 57 -24.80 3.48 -5.10
N ALA C 58 -23.69 3.53 -4.35
CA ALA C 58 -22.45 2.84 -4.76
C ALA C 58 -22.72 1.35 -4.95
N GLY C 59 -23.53 0.80 -4.06
CA GLY C 59 -23.87 -0.61 -4.16
C GLY C 59 -24.87 -0.83 -5.27
N ILE C 60 -24.49 -1.63 -6.26
CA ILE C 60 -25.35 -1.88 -7.41
C ILE C 60 -25.71 -3.35 -7.67
N VAL C 61 -26.98 -3.60 -7.92
CA VAL C 61 -27.47 -4.92 -8.26
C VAL C 61 -28.13 -4.74 -9.62
N PHE C 62 -27.62 -5.46 -10.60
CA PHE C 62 -28.11 -5.35 -11.96
C PHE C 62 -29.32 -6.21 -12.29
N GLY C 63 -30.51 -5.80 -11.83
CA GLY C 63 -31.73 -6.55 -12.11
C GLY C 63 -32.35 -7.23 -10.89
N GLU C 64 -33.67 -7.42 -10.91
CA GLU C 64 -34.35 -8.07 -9.80
C GLU C 64 -33.96 -9.54 -9.72
N ASP C 65 -33.51 -10.06 -10.86
CA ASP C 65 -33.06 -11.44 -10.99
C ASP C 65 -31.79 -11.64 -10.18
N GLN C 66 -31.05 -10.54 -10.01
CA GLN C 66 -29.77 -10.58 -9.32
C GLN C 66 -29.74 -10.40 -7.79
N TYR C 67 -30.88 -10.14 -7.17
CA TYR C 67 -30.87 -9.96 -5.73
C TYR C 67 -30.58 -11.28 -4.98
N ASP C 68 -30.58 -12.38 -5.73
CA ASP C 68 -30.31 -13.69 -5.16
C ASP C 68 -28.83 -13.85 -4.88
N ALA C 69 -28.06 -12.81 -5.19
CA ALA C 69 -26.64 -12.80 -4.94
C ALA C 69 -26.50 -12.83 -3.43
N PHE C 70 -27.42 -12.14 -2.78
CA PHE C 70 -27.43 -12.02 -1.32
C PHE C 70 -28.07 -13.17 -0.57
N GLU C 71 -28.50 -14.18 -1.32
CA GLU C 71 -29.10 -15.38 -0.74
C GLU C 71 -28.02 -16.17 -0.02
N ASN C 72 -26.85 -16.23 -0.66
CA ASN C 72 -25.73 -16.98 -0.11
C ASN C 72 -24.53 -16.10 0.26
N GLY C 73 -24.57 -14.85 -0.20
CA GLY C 73 -23.48 -13.94 0.10
C GLY C 73 -22.58 -13.63 -1.08
N LEU C 74 -21.77 -12.58 -0.94
CA LEU C 74 -20.88 -12.19 -2.00
C LEU C 74 -19.67 -13.10 -2.03
N TRP C 75 -19.52 -13.94 -1.01
CA TRP C 75 -18.40 -14.87 -1.00
C TRP C 75 -18.89 -16.24 -1.43
N SER C 76 -20.11 -16.28 -1.98
CA SER C 76 -20.76 -17.50 -2.49
C SER C 76 -20.00 -18.08 -3.69
N ARG C 77 -19.41 -17.18 -4.47
CA ARG C 77 -18.67 -17.55 -5.66
C ARG C 77 -19.67 -17.92 -6.77
N GLU C 78 -20.90 -17.47 -6.61
CA GLU C 78 -21.94 -17.72 -7.59
C GLU C 78 -22.01 -16.62 -8.63
N PRO C 79 -22.40 -16.95 -9.87
CA PRO C 79 -22.52 -16.03 -11.01
C PRO C 79 -23.69 -15.07 -10.92
N TYR C 80 -23.40 -13.84 -10.52
CA TYR C 80 -24.43 -12.81 -10.38
C TYR C 80 -23.92 -11.47 -10.86
N GLU C 81 -24.82 -10.60 -11.27
CA GLU C 81 -24.44 -9.27 -11.74
C GLU C 81 -24.62 -8.28 -10.60
N ALA C 82 -23.50 -7.89 -9.98
CA ALA C 82 -23.53 -6.94 -8.86
C ALA C 82 -22.15 -6.32 -8.63
N MET C 83 -22.10 -5.12 -8.07
CA MET C 83 -20.84 -4.44 -7.82
C MET C 83 -21.01 -3.13 -7.05
N VAL C 84 -19.90 -2.58 -6.58
CA VAL C 84 -19.94 -1.30 -5.87
C VAL C 84 -19.01 -0.36 -6.63
N ILE C 85 -19.42 0.89 -6.78
CA ILE C 85 -18.63 1.88 -7.49
C ILE C 85 -18.49 3.19 -6.71
N PHE C 86 -17.27 3.49 -6.22
CA PHE C 86 -17.03 4.74 -5.50
C PHE C 86 -16.50 5.73 -6.54
N GLU C 87 -17.26 6.76 -6.83
CA GLU C 87 -16.88 7.77 -7.81
C GLU C 87 -16.22 8.99 -7.11
N SER C 88 -14.94 9.21 -7.38
CA SER C 88 -14.19 10.31 -6.80
C SER C 88 -14.22 11.57 -7.66
N LEU C 89 -14.39 11.36 -8.97
CA LEU C 89 -14.46 12.46 -9.91
C LEU C 89 -15.41 12.19 -11.08
N ASN C 90 -15.97 13.25 -11.63
CA ASN C 90 -16.88 13.15 -12.73
C ASN C 90 -17.01 14.59 -13.22
N GLU C 91 -15.88 15.14 -13.69
CA GLU C 91 -15.82 16.52 -14.18
C GLU C 91 -16.32 16.62 -15.61
N PRO C 92 -17.24 17.57 -15.90
CA PRO C 92 -17.77 17.70 -17.27
C PRO C 92 -16.73 18.23 -18.24
N ALA C 93 -15.79 19.03 -17.74
CA ALA C 93 -14.75 19.63 -18.56
C ALA C 93 -15.35 20.54 -19.61
N VAL C 94 -16.34 21.33 -19.20
CA VAL C 94 -16.99 22.25 -20.10
C VAL C 94 -16.30 23.61 -20.05
N ASP C 95 -15.99 24.09 -18.84
CA ASP C 95 -15.31 25.37 -18.70
C ASP C 95 -14.06 25.45 -19.56
N GLY C 96 -13.91 26.56 -20.28
CA GLY C 96 -12.75 26.76 -21.14
C GLY C 96 -12.87 26.13 -22.52
N LEU C 97 -13.97 25.44 -22.77
CA LEU C 97 -14.16 24.79 -24.05
C LEU C 97 -14.82 25.79 -25.01
N PRO C 98 -14.40 25.80 -26.29
CA PRO C 98 -14.94 26.71 -27.30
C PRO C 98 -16.46 26.50 -27.44
N ALA C 99 -17.21 27.60 -27.46
CA ALA C 99 -18.67 27.51 -27.59
C ALA C 99 -19.08 26.50 -28.69
N ALA C 100 -18.35 26.53 -29.80
CA ALA C 100 -18.62 25.67 -30.94
C ALA C 100 -18.41 24.18 -30.67
N GLY C 101 -17.99 23.87 -29.45
CA GLY C 101 -17.75 22.47 -29.09
C GLY C 101 -18.83 21.86 -28.23
N ALA C 102 -19.80 22.68 -27.82
CA ALA C 102 -20.91 22.23 -26.97
C ALA C 102 -21.61 20.98 -27.51
N PRO C 103 -21.86 20.92 -28.81
CA PRO C 103 -22.54 19.72 -29.32
C PRO C 103 -21.85 18.40 -28.97
N PHE C 104 -20.52 18.41 -28.94
CA PHE C 104 -19.79 17.18 -28.66
C PHE C 104 -19.08 17.13 -27.30
N ALA C 105 -19.40 18.09 -26.44
CA ALA C 105 -18.79 18.16 -25.09
C ALA C 105 -19.12 16.93 -24.23
N GLU C 106 -20.21 16.24 -24.56
CA GLU C 106 -20.64 15.07 -23.81
C GLU C 106 -19.77 13.86 -24.04
N TYR C 107 -19.03 13.86 -25.15
CA TYR C 107 -18.16 12.73 -25.43
C TYR C 107 -16.83 12.90 -24.75
N SER C 108 -16.69 13.99 -23.99
CA SER C 108 -15.47 14.30 -23.25
C SER C 108 -15.74 14.23 -21.75
N GLY C 109 -14.96 14.94 -20.95
CA GLY C 109 -15.16 14.91 -19.51
C GLY C 109 -14.22 13.96 -18.80
N LEU C 110 -14.19 14.02 -17.48
CA LEU C 110 -13.28 13.15 -16.71
C LEU C 110 -13.93 12.44 -15.52
N CYS C 111 -13.99 11.11 -15.60
CA CYS C 111 -14.59 10.29 -14.54
C CYS C 111 -13.51 9.41 -13.94
N ASP C 112 -13.49 9.34 -12.62
CA ASP C 112 -12.54 8.51 -11.89
C ASP C 112 -13.32 7.73 -10.84
N LYS C 113 -13.25 6.42 -10.90
CA LYS C 113 -13.98 5.60 -9.95
C LYS C 113 -13.28 4.28 -9.71
N LEU C 114 -13.44 3.78 -8.49
CA LEU C 114 -12.90 2.49 -8.13
C LEU C 114 -14.10 1.54 -8.15
N MET C 115 -13.90 0.31 -8.61
CA MET C 115 -14.99 -0.66 -8.63
C MET C 115 -14.59 -1.93 -7.89
N ILE C 116 -15.52 -2.51 -7.15
CA ILE C 116 -15.25 -3.74 -6.41
C ILE C 116 -16.19 -4.85 -6.85
N VAL C 117 -15.62 -5.92 -7.38
CA VAL C 117 -16.39 -7.07 -7.82
C VAL C 117 -15.89 -8.30 -7.07
N HIS C 118 -16.79 -9.01 -6.39
CA HIS C 118 -16.45 -10.21 -5.63
C HIS C 118 -16.34 -11.46 -6.52
N PRO C 119 -15.65 -12.50 -6.04
CA PRO C 119 -15.47 -13.73 -6.82
C PRO C 119 -16.73 -14.27 -7.47
N GLY C 120 -16.66 -14.49 -8.79
CA GLY C 120 -17.79 -15.02 -9.51
C GLY C 120 -18.80 -13.98 -10.00
N LYS C 121 -18.79 -12.79 -9.41
CA LYS C 121 -19.74 -11.76 -9.83
C LYS C 121 -19.31 -11.00 -11.09
N PHE C 122 -20.28 -10.45 -11.82
CA PHE C 122 -19.99 -9.73 -13.06
C PHE C 122 -20.47 -8.28 -13.05
N CYS C 123 -20.10 -7.60 -14.13
CA CYS C 123 -20.50 -6.24 -14.45
C CYS C 123 -21.11 -6.58 -15.80
N PRO C 124 -22.44 -6.76 -15.86
CA PRO C 124 -23.22 -7.11 -17.04
C PRO C 124 -22.86 -6.48 -18.39
N PRO C 125 -23.08 -7.23 -19.48
CA PRO C 125 -22.77 -6.73 -20.82
C PRO C 125 -23.53 -5.42 -21.13
N HIS C 126 -22.77 -4.41 -21.55
CA HIS C 126 -23.32 -3.10 -21.88
C HIS C 126 -22.31 -2.37 -22.73
N TYR C 127 -22.78 -1.27 -23.35
CA TYR C 127 -21.96 -0.45 -24.21
C TYR C 127 -22.36 1.00 -23.90
N HIS C 128 -21.45 1.93 -24.16
CA HIS C 128 -21.68 3.35 -23.92
C HIS C 128 -21.56 4.04 -25.27
N GLN C 129 -22.43 5.00 -25.55
CA GLN C 129 -22.35 5.71 -26.82
C GLN C 129 -21.31 6.83 -26.78
N ARG C 130 -21.19 7.45 -25.61
CA ARG C 130 -20.26 8.56 -25.37
C ARG C 130 -18.99 8.18 -24.64
N LYS C 131 -19.15 7.46 -23.54
CA LYS C 131 -18.04 7.10 -22.68
C LYS C 131 -16.99 6.13 -23.24
N THR C 132 -15.73 6.44 -22.98
CA THR C 132 -14.62 5.59 -23.34
C THR C 132 -13.90 5.38 -22.01
N GLU C 133 -13.64 4.13 -21.68
CA GLU C 133 -13.01 3.78 -20.42
C GLU C 133 -11.62 3.16 -20.50
N SER C 134 -10.92 3.19 -19.37
CA SER C 134 -9.59 2.61 -19.24
C SER C 134 -9.63 1.83 -17.92
N TYR C 135 -8.93 0.70 -17.86
CA TYR C 135 -8.91 -0.12 -16.66
C TYR C 135 -7.53 -0.29 -16.08
N GLU C 136 -7.46 -0.29 -14.76
CA GLU C 136 -6.21 -0.46 -14.05
C GLU C 136 -6.52 -1.37 -12.88
N VAL C 137 -6.02 -2.60 -12.96
CA VAL C 137 -6.27 -3.54 -11.88
C VAL C 137 -5.46 -3.16 -10.64
N VAL C 138 -6.16 -2.96 -9.55
CA VAL C 138 -5.56 -2.56 -8.28
C VAL C 138 -5.32 -3.81 -7.45
N LEU C 139 -6.31 -4.69 -7.43
CA LEU C 139 -6.25 -5.92 -6.66
C LEU C 139 -7.01 -7.06 -7.36
N GLY C 140 -6.38 -8.23 -7.41
CA GLY C 140 -7.04 -9.36 -8.03
C GLY C 140 -6.77 -9.49 -9.52
N GLU C 141 -7.65 -10.20 -10.20
CA GLU C 141 -7.53 -10.37 -11.61
C GLU C 141 -8.87 -10.08 -12.26
N MET C 142 -8.82 -9.40 -13.38
CA MET C 142 -10.03 -9.04 -14.11
C MET C 142 -10.20 -9.79 -15.41
N GLU C 143 -11.29 -10.52 -15.54
CA GLU C 143 -11.57 -11.24 -16.77
C GLU C 143 -12.53 -10.41 -17.60
N LEU C 144 -11.96 -9.68 -18.54
CA LEU C 144 -12.69 -8.77 -19.41
C LEU C 144 -13.22 -9.44 -20.66
N PHE C 145 -14.50 -9.24 -20.93
CA PHE C 145 -15.17 -9.81 -22.12
C PHE C 145 -15.72 -8.64 -22.92
N TYR C 146 -15.59 -8.70 -24.24
CA TYR C 146 -16.09 -7.62 -25.09
C TYR C 146 -16.21 -8.00 -26.54
N SER C 147 -16.88 -7.14 -27.29
CA SER C 147 -17.08 -7.32 -28.72
C SER C 147 -16.01 -6.49 -29.43
N PRO C 148 -15.30 -7.08 -30.41
CA PRO C 148 -14.24 -6.42 -31.18
C PRO C 148 -14.79 -5.36 -32.13
N LYS C 149 -16.09 -5.47 -32.41
CA LYS C 149 -16.75 -4.54 -33.30
C LYS C 149 -17.64 -3.57 -32.52
N PRO C 150 -17.56 -2.27 -32.84
CA PRO C 150 -18.40 -1.30 -32.13
C PRO C 150 -19.81 -1.41 -32.68
N VAL C 151 -20.75 -0.71 -32.08
CA VAL C 151 -22.13 -0.76 -32.54
C VAL C 151 -22.41 0.49 -33.37
N GLN C 152 -23.30 0.38 -34.35
CA GLN C 152 -23.64 1.52 -35.19
C GLN C 152 -24.79 2.29 -34.55
N VAL C 153 -24.43 3.33 -33.79
CA VAL C 153 -25.41 4.16 -33.09
C VAL C 153 -25.85 5.33 -33.97
N GLY C 154 -26.93 5.13 -34.71
CA GLY C 154 -27.44 6.20 -35.57
C GLY C 154 -26.80 6.18 -36.94
N GLU C 155 -27.40 6.89 -37.89
CA GLU C 155 -26.87 6.93 -39.26
C GLU C 155 -25.67 7.88 -39.39
N GLU C 156 -25.37 8.59 -38.30
CA GLU C 156 -24.26 9.55 -38.23
C GLU C 156 -22.89 8.91 -38.51
N GLU C 157 -21.96 9.69 -39.05
CA GLU C 157 -20.63 9.18 -39.37
C GLU C 157 -19.68 9.30 -38.17
N VAL C 158 -18.92 8.23 -37.92
CA VAL C 158 -18.00 8.19 -36.79
C VAL C 158 -16.53 8.07 -37.18
N LEU C 159 -15.66 8.62 -36.35
CA LEU C 159 -14.23 8.57 -36.59
C LEU C 159 -13.61 7.23 -36.13
N SER C 160 -12.39 6.98 -36.61
CA SER C 160 -11.65 5.77 -36.27
C SER C 160 -10.19 6.10 -36.05
N PHE C 161 -9.41 5.14 -35.57
CA PHE C 161 -8.00 5.35 -35.32
C PHE C 161 -7.32 4.06 -34.82
N THR C 162 -7.51 3.71 -33.55
CA THR C 162 -6.89 2.50 -33.01
C THR C 162 -7.90 1.37 -32.81
N GLY C 163 -9.17 1.72 -32.69
CA GLY C 163 -10.22 0.72 -32.51
C GLY C 163 -9.91 -0.26 -31.40
N MET C 164 -10.63 -1.38 -31.37
CA MET C 164 -10.41 -2.41 -30.36
C MET C 164 -9.81 -3.65 -31.00
N HIS C 165 -8.67 -4.10 -30.47
CA HIS C 165 -8.02 -5.28 -31.00
C HIS C 165 -8.91 -6.49 -30.81
N GLU C 166 -8.48 -7.63 -31.32
CA GLU C 166 -9.25 -8.87 -31.26
C GLU C 166 -9.27 -9.52 -29.88
N GLY C 167 -8.09 -9.78 -29.33
CA GLY C 167 -8.06 -10.41 -28.02
C GLY C 167 -8.01 -11.92 -28.09
N SER C 168 -8.42 -12.57 -27.00
CA SER C 168 -8.37 -14.03 -26.94
C SER C 168 -9.70 -14.75 -26.72
N PRO C 169 -9.69 -16.09 -26.84
CA PRO C 169 -10.88 -16.92 -26.64
C PRO C 169 -11.16 -16.99 -25.15
N TRP C 170 -12.42 -17.13 -24.78
CA TRP C 170 -12.78 -17.22 -23.37
C TRP C 170 -12.11 -18.44 -22.75
N PRO C 171 -11.71 -18.37 -21.46
CA PRO C 171 -11.09 -19.59 -20.92
C PRO C 171 -12.28 -20.49 -20.55
N ASP C 172 -12.06 -21.80 -20.48
CA ASP C 172 -13.15 -22.71 -20.15
C ASP C 172 -13.70 -22.53 -18.74
N GLY C 173 -14.99 -22.78 -18.59
CA GLY C 173 -15.57 -22.71 -17.27
C GLY C 173 -16.01 -21.39 -16.71
N VAL C 174 -16.32 -20.43 -17.58
CA VAL C 174 -16.80 -19.14 -17.11
C VAL C 174 -18.30 -19.29 -16.83
N ALA C 175 -18.67 -19.43 -15.57
CA ALA C 175 -20.07 -19.56 -15.20
C ALA C 175 -20.75 -18.20 -15.30
N LEU C 176 -21.79 -18.11 -16.12
CA LEU C 176 -22.54 -16.87 -16.33
C LEU C 176 -23.85 -16.88 -15.54
N PRO C 177 -24.33 -15.71 -15.11
CA PRO C 177 -25.57 -15.67 -14.34
C PRO C 177 -26.70 -16.32 -15.12
N ILE C 178 -27.44 -17.18 -14.43
CA ILE C 178 -28.57 -17.88 -15.03
C ILE C 178 -29.66 -16.92 -15.54
N GLY C 179 -30.09 -17.13 -16.79
CA GLY C 179 -31.10 -16.28 -17.36
C GLY C 179 -30.53 -15.10 -18.11
N ARG C 180 -29.22 -14.90 -17.99
CA ARG C 180 -28.55 -13.79 -18.65
C ARG C 180 -27.52 -14.34 -19.60
N GLU C 181 -27.47 -15.66 -19.69
CA GLU C 181 -26.52 -16.38 -20.54
C GLU C 181 -26.37 -15.74 -21.90
N GLU C 182 -27.50 -15.37 -22.51
CA GLU C 182 -27.54 -14.74 -23.82
C GLU C 182 -26.78 -13.44 -23.94
N SER C 183 -27.06 -12.48 -23.05
CA SER C 183 -26.46 -11.16 -23.11
C SER C 183 -24.93 -11.10 -23.26
N TYR C 184 -24.26 -12.25 -23.12
CA TYR C 184 -22.81 -12.33 -23.26
C TYR C 184 -22.35 -12.82 -24.63
N ALA C 185 -23.28 -13.38 -25.39
CA ALA C 185 -22.98 -13.92 -26.72
C ALA C 185 -22.09 -13.03 -27.58
N ALA C 186 -22.57 -11.82 -27.86
CA ALA C 186 -21.84 -10.84 -28.67
C ALA C 186 -20.44 -10.47 -28.16
N LEU C 187 -20.16 -10.72 -26.87
CA LEU C 187 -18.87 -10.36 -26.30
C LEU C 187 -17.84 -11.48 -26.42
N THR C 188 -17.54 -11.84 -27.66
CA THR C 188 -16.61 -12.93 -28.00
C THR C 188 -15.13 -12.79 -27.64
N SER C 189 -14.64 -11.56 -27.51
CA SER C 189 -13.24 -11.34 -27.17
C SER C 189 -13.02 -11.38 -25.68
N TYR C 190 -11.90 -12.00 -25.29
CA TYR C 190 -11.52 -12.17 -23.89
C TYR C 190 -10.24 -11.42 -23.60
N ARG C 191 -9.94 -11.24 -22.32
CA ARG C 191 -8.76 -10.52 -21.89
C ARG C 191 -8.60 -10.64 -20.37
N ARG C 192 -7.39 -11.01 -19.91
CA ARG C 192 -7.13 -11.13 -18.48
C ARG C 192 -6.16 -10.04 -18.06
N LEU C 193 -6.67 -9.03 -17.38
CA LEU C 193 -5.84 -7.91 -16.94
C LEU C 193 -5.44 -8.08 -15.48
N ARG C 194 -4.15 -7.91 -15.21
CA ARG C 194 -3.60 -8.05 -13.87
C ARG C 194 -2.98 -6.76 -13.38
N VAL C 195 -2.67 -6.73 -12.10
CA VAL C 195 -2.06 -5.57 -11.49
C VAL C 195 -0.66 -5.41 -12.09
N GLY C 196 -0.36 -4.22 -12.57
CA GLY C 196 0.94 -3.96 -13.17
C GLY C 196 0.85 -3.88 -14.70
N ASP C 197 -0.12 -4.57 -15.28
CA ASP C 197 -0.31 -4.56 -16.73
C ASP C 197 -0.47 -3.15 -17.29
N PRO C 198 -0.44 -3.01 -18.62
CA PRO C 198 -0.59 -1.69 -19.23
C PRO C 198 -2.04 -1.24 -19.04
N LYS C 199 -2.30 0.05 -19.24
CA LYS C 199 -3.66 0.56 -19.11
C LYS C 199 -4.46 -0.02 -20.26
N PHE C 200 -5.67 -0.48 -19.99
CA PHE C 200 -6.49 -1.06 -21.05
C PHE C 200 -7.61 -0.10 -21.41
N VAL C 201 -7.67 0.26 -22.68
CA VAL C 201 -8.69 1.18 -23.17
C VAL C 201 -9.84 0.47 -23.86
N MET C 202 -11.06 0.86 -23.45
CA MET C 202 -12.31 0.31 -23.97
C MET C 202 -13.07 1.44 -24.64
N HIS C 203 -12.96 1.55 -25.97
CA HIS C 203 -13.64 2.61 -26.71
C HIS C 203 -15.16 2.56 -26.61
N ARG C 204 -15.77 3.74 -26.66
CA ARG C 204 -17.21 3.84 -26.62
C ARG C 204 -17.74 3.00 -27.77
N LYS C 205 -19.04 2.71 -27.73
CA LYS C 205 -19.69 1.91 -28.77
C LYS C 205 -19.27 0.44 -28.78
N HIS C 206 -18.50 0.01 -27.78
CA HIS C 206 -18.07 -1.39 -27.72
C HIS C 206 -18.72 -2.10 -26.56
N LEU C 207 -19.25 -3.29 -26.83
CA LEU C 207 -19.91 -4.08 -25.81
C LEU C 207 -18.87 -4.69 -24.89
N HIS C 208 -18.97 -4.41 -23.60
CA HIS C 208 -18.03 -4.99 -22.66
C HIS C 208 -18.71 -5.50 -21.41
N ALA C 209 -17.93 -6.18 -20.59
CA ALA C 209 -18.39 -6.79 -19.34
C ALA C 209 -17.20 -7.55 -18.78
N PHE C 210 -17.00 -7.46 -17.48
CA PHE C 210 -15.90 -8.19 -16.85
C PHE C 210 -16.36 -8.84 -15.55
N ARG C 211 -15.52 -9.69 -15.00
CA ARG C 211 -15.86 -10.39 -13.78
C ARG C 211 -14.62 -10.72 -12.99
N CYS C 212 -14.83 -11.09 -11.74
CA CYS C 212 -13.73 -11.51 -10.87
C CYS C 212 -13.79 -13.03 -10.91
N PRO C 213 -12.66 -13.70 -11.25
CA PRO C 213 -12.63 -15.16 -11.32
C PRO C 213 -13.33 -15.76 -10.13
N ALA C 214 -14.30 -16.65 -10.38
CA ALA C 214 -15.06 -17.27 -9.30
C ALA C 214 -14.22 -17.88 -8.16
N ASP C 215 -13.03 -18.35 -8.48
CA ASP C 215 -12.15 -18.96 -7.49
C ASP C 215 -11.11 -17.99 -6.93
N SER C 216 -11.43 -16.70 -6.96
CA SER C 216 -10.50 -15.71 -6.44
C SER C 216 -10.47 -15.74 -4.92
N ASP C 217 -9.37 -15.25 -4.35
CA ASP C 217 -9.18 -15.20 -2.90
C ASP C 217 -9.46 -13.81 -2.32
N VAL C 218 -9.61 -12.83 -3.22
CA VAL C 218 -9.87 -11.44 -2.84
C VAL C 218 -10.85 -10.83 -3.85
N PRO C 219 -11.46 -9.69 -3.48
CA PRO C 219 -12.38 -9.13 -4.47
C PRO C 219 -11.55 -8.46 -5.56
N LEU C 220 -12.08 -8.45 -6.79
CA LEU C 220 -11.39 -7.78 -7.87
C LEU C 220 -11.59 -6.32 -7.53
N VAL C 221 -10.56 -5.48 -7.74
CA VAL C 221 -10.65 -4.05 -7.45
C VAL C 221 -9.95 -3.33 -8.60
N VAL C 222 -10.66 -2.42 -9.26
CA VAL C 222 -10.08 -1.71 -10.41
C VAL C 222 -10.39 -0.21 -10.54
N ARG C 223 -9.34 0.56 -10.87
CA ARG C 223 -9.45 1.99 -11.07
C ARG C 223 -9.96 2.28 -12.48
N GLU C 224 -11.17 2.81 -12.61
CA GLU C 224 -11.68 3.14 -13.93
C GLU C 224 -11.53 4.62 -14.22
N VAL C 225 -10.68 4.93 -15.20
CA VAL C 225 -10.44 6.30 -15.61
C VAL C 225 -11.11 6.43 -16.99
N SER C 226 -12.22 7.14 -17.07
CA SER C 226 -12.90 7.26 -18.35
C SER C 226 -13.46 8.65 -18.60
N THR C 227 -14.19 8.82 -19.69
CA THR C 227 -14.77 10.11 -19.99
C THR C 227 -15.98 10.27 -19.08
N TYR C 228 -16.64 11.44 -19.16
CA TYR C 228 -17.80 11.74 -18.31
C TYR C 228 -18.88 10.63 -18.26
N SER C 229 -19.32 10.35 -17.04
CA SER C 229 -20.33 9.33 -16.78
C SER C 229 -21.72 9.94 -16.61
N HIS C 230 -22.57 9.75 -17.62
CA HIS C 230 -23.92 10.29 -17.59
C HIS C 230 -24.85 9.36 -16.80
N GLU C 231 -25.41 9.86 -15.69
CA GLU C 231 -26.31 9.08 -14.85
C GLU C 231 -27.63 9.82 -14.66
N PRO C 232 -28.76 9.18 -15.00
CA PRO C 232 -30.10 9.77 -14.87
C PRO C 232 -30.44 10.22 -13.45
N ALA C 241 -26.44 21.19 -14.27
CA ALA C 241 -26.47 20.68 -15.64
C ALA C 241 -25.39 21.34 -16.52
N PRO C 242 -24.31 20.59 -16.84
CA PRO C 242 -23.17 21.04 -17.67
C PRO C 242 -23.60 21.92 -18.83
N LEU C 243 -24.64 21.46 -19.52
CA LEU C 243 -25.23 22.15 -20.64
C LEU C 243 -26.69 21.73 -20.62
N PRO C 244 -27.59 22.52 -21.24
CA PRO C 244 -29.02 22.19 -21.26
C PRO C 244 -29.31 20.83 -21.88
N ASP C 245 -28.61 20.53 -22.96
CA ASP C 245 -28.73 19.29 -23.72
C ASP C 245 -28.12 18.10 -23.01
N TRP C 246 -27.53 18.34 -21.85
CA TRP C 246 -26.94 17.26 -21.07
C TRP C 246 -27.95 16.76 -20.06
N ALA C 247 -29.01 17.56 -19.87
CA ALA C 247 -30.07 17.22 -18.93
C ALA C 247 -30.51 15.75 -19.06
N GLY C 248 -30.30 14.99 -17.98
CA GLY C 248 -30.68 13.58 -17.96
C GLY C 248 -30.39 12.78 -19.21
N LEU C 249 -29.10 12.48 -19.46
CA LEU C 249 -28.72 11.70 -20.62
C LEU C 249 -28.46 10.27 -20.21
N HIS C 250 -28.83 9.33 -21.08
CA HIS C 250 -28.65 7.91 -20.82
C HIS C 250 -27.44 7.45 -21.63
N ASP C 251 -26.34 7.12 -20.96
CA ASP C 251 -25.15 6.67 -21.67
C ASP C 251 -24.81 5.22 -21.35
N ASN C 252 -25.68 4.57 -20.58
CA ASN C 252 -25.49 3.16 -20.24
C ASN C 252 -26.53 2.32 -20.95
N SER C 253 -26.07 1.44 -21.83
CA SER C 253 -26.98 0.59 -22.57
C SER C 253 -26.63 -0.89 -22.37
N PHE C 254 -27.39 -1.57 -21.50
CA PHE C 254 -27.17 -2.97 -21.19
C PHE C 254 -27.91 -3.93 -22.11
N VAL C 255 -27.24 -5.01 -22.51
CA VAL C 255 -27.85 -6.00 -23.37
C VAL C 255 -29.12 -6.52 -22.68
N ALA C 256 -28.97 -7.33 -21.63
CA ALA C 256 -30.13 -7.87 -20.92
C ALA C 256 -31.00 -6.75 -20.36
N ALA C 257 -32.24 -6.68 -20.86
CA ALA C 257 -33.20 -5.64 -20.44
C ALA C 257 -33.34 -5.55 -18.93
N ALA C 258 -33.36 -6.71 -18.28
CA ALA C 258 -33.51 -6.79 -16.83
C ALA C 258 -32.48 -5.94 -16.08
N ALA C 259 -31.23 -5.94 -16.59
CA ALA C 259 -30.14 -5.17 -16.00
C ALA C 259 -30.43 -3.68 -16.00
N ASN C 260 -31.11 -3.20 -17.04
CA ASN C 260 -31.45 -1.79 -17.18
C ASN C 260 -32.37 -1.25 -16.08
N SER C 261 -33.38 -2.03 -15.69
CA SER C 261 -34.31 -1.59 -14.65
C SER C 261 -33.69 -1.68 -13.27
N GLY C 262 -32.40 -1.99 -13.23
CA GLY C 262 -31.70 -2.13 -11.96
C GLY C 262 -30.66 -1.06 -11.71
N ARG C 263 -29.64 -0.99 -12.58
CA ARG C 263 -28.56 0.00 -12.48
C ARG C 263 -29.08 1.31 -11.85
N LEU C 264 -30.36 1.62 -12.11
CA LEU C 264 -31.01 2.84 -11.58
C LEU C 264 -30.87 3.00 -10.05
N ARG C 265 -31.13 1.91 -9.32
CA ARG C 265 -31.03 1.93 -7.86
C ARG C 265 -31.06 0.51 -7.28
N THR C 266 -30.62 0.38 -6.04
CA THR C 266 -30.62 -0.93 -5.43
C THR C 266 -31.65 -0.96 -4.31
N ALA C 267 -32.58 -1.92 -4.43
CA ALA C 267 -33.64 -2.07 -3.46
C ALA C 267 -33.08 -2.53 -2.12
N ILE C 268 -33.13 -1.63 -1.15
CA ILE C 268 -32.65 -1.90 0.19
C ILE C 268 -33.82 -1.88 1.14
N GLN C 269 -33.95 -2.93 1.96
CA GLN C 269 -35.05 -3.01 2.92
C GLN C 269 -34.78 -2.05 4.08
N ALA D 22 27.49 27.05 -12.71
CA ALA D 22 26.09 26.70 -13.06
C ALA D 22 26.05 25.44 -13.95
N ARG D 23 25.85 24.29 -13.33
CA ARG D 23 25.77 23.04 -14.09
C ARG D 23 24.75 23.17 -15.21
N THR D 24 25.03 22.54 -16.34
CA THR D 24 24.14 22.64 -17.48
C THR D 24 23.62 21.29 -17.98
N SER D 25 23.65 20.30 -17.11
CA SER D 25 23.14 18.98 -17.45
C SER D 25 23.23 18.06 -16.26
N VAL D 26 22.48 16.96 -16.33
CA VAL D 26 22.42 15.95 -15.30
C VAL D 26 23.22 14.73 -15.79
N THR D 27 24.08 14.18 -14.94
CA THR D 27 24.89 13.03 -15.30
C THR D 27 24.03 11.78 -15.45
N ARG D 28 24.55 10.79 -16.15
CA ARG D 28 23.86 9.53 -16.39
C ARG D 28 23.41 8.89 -15.06
N ARG D 29 24.34 8.83 -14.11
CA ARG D 29 24.06 8.25 -12.81
C ARG D 29 22.99 9.05 -12.08
N GLU D 30 23.15 10.37 -12.06
CA GLU D 30 22.18 11.25 -11.41
C GLU D 30 20.78 10.99 -11.96
N TYR D 31 20.67 11.00 -13.27
CA TYR D 31 19.40 10.77 -13.94
C TYR D 31 18.78 9.43 -13.59
N ASP D 32 19.55 8.37 -13.84
CA ASP D 32 19.11 7.02 -13.58
C ASP D 32 18.62 6.79 -12.16
N GLU D 33 19.45 7.15 -11.19
CA GLU D 33 19.09 6.98 -9.80
C GLU D 33 17.82 7.79 -9.50
N TRP D 34 17.74 9.00 -10.05
CA TRP D 34 16.59 9.88 -9.88
C TRP D 34 15.31 9.18 -10.32
N LEU D 35 15.30 8.70 -11.55
CA LEU D 35 14.13 8.03 -12.06
C LEU D 35 13.94 6.60 -11.56
N ASN D 36 15.03 5.94 -11.15
CA ASN D 36 14.93 4.59 -10.65
C ASN D 36 14.33 4.54 -9.26
N GLU D 37 14.65 5.54 -8.44
CA GLU D 37 14.08 5.58 -7.09
C GLU D 37 12.63 5.99 -7.27
N ALA D 38 12.42 6.98 -8.14
CA ALA D 38 11.08 7.46 -8.41
C ALA D 38 10.18 6.34 -8.92
N ALA D 39 10.72 5.47 -9.76
CA ALA D 39 9.95 4.35 -10.33
C ALA D 39 9.51 3.34 -9.29
N ALA D 40 10.43 2.94 -8.42
CA ALA D 40 10.13 1.98 -7.36
C ALA D 40 9.18 2.60 -6.32
N LEU D 41 9.36 3.89 -6.05
CA LEU D 41 8.50 4.60 -5.11
C LEU D 41 7.09 4.53 -5.67
N GLY D 42 6.99 4.65 -6.99
CA GLY D 42 5.69 4.60 -7.64
C GLY D 42 5.00 3.27 -7.49
N ARG D 43 5.67 2.19 -7.91
CA ARG D 43 5.09 0.85 -7.80
C ARG D 43 4.67 0.56 -6.36
N ALA D 44 5.49 0.96 -5.40
CA ALA D 44 5.15 0.74 -3.99
C ALA D 44 3.86 1.43 -3.65
N LEU D 45 3.67 2.65 -4.14
CA LEU D 45 2.45 3.39 -3.86
C LEU D 45 1.33 2.87 -4.77
N ARG D 46 1.61 1.73 -5.39
CA ARG D 46 0.71 1.02 -6.28
C ARG D 46 0.33 1.58 -7.63
N TYR D 47 1.24 2.36 -8.23
CA TYR D 47 1.00 2.89 -9.59
C TYR D 47 1.68 1.96 -10.63
N PRO D 48 0.97 1.60 -11.71
CA PRO D 48 1.50 0.70 -12.73
C PRO D 48 2.64 1.25 -13.58
N VAL D 49 3.78 1.50 -12.93
CA VAL D 49 4.97 2.00 -13.60
C VAL D 49 5.70 0.80 -14.22
N ARG D 50 5.59 0.64 -15.53
CA ARG D 50 6.25 -0.45 -16.22
C ARG D 50 7.55 0.15 -16.76
N PRO D 51 8.59 -0.67 -16.89
CA PRO D 51 9.90 -0.25 -17.39
C PRO D 51 9.88 0.57 -18.69
N GLU D 52 8.93 0.28 -19.56
CA GLU D 52 8.85 1.04 -20.80
C GLU D 52 8.71 2.51 -20.47
N MET D 53 7.97 2.80 -19.41
CA MET D 53 7.69 4.17 -18.92
C MET D 53 8.85 4.93 -18.31
N VAL D 54 9.78 4.20 -17.71
CA VAL D 54 10.97 4.79 -17.08
C VAL D 54 11.99 4.99 -18.18
N ASN D 55 11.98 6.17 -18.78
CA ASN D 55 12.88 6.49 -19.89
C ASN D 55 13.55 7.85 -19.79
N ASP D 56 14.41 8.14 -20.76
CA ASP D 56 15.13 9.40 -20.75
C ASP D 56 14.27 10.62 -21.04
N SER D 57 13.00 10.53 -20.69
CA SER D 57 12.06 11.62 -20.87
C SER D 57 11.24 11.90 -19.61
N ALA D 58 10.98 10.87 -18.80
CA ALA D 58 10.21 11.04 -17.57
C ALA D 58 10.86 12.10 -16.69
N GLY D 59 12.19 12.08 -16.63
CA GLY D 59 12.91 13.06 -15.82
C GLY D 59 12.91 14.39 -16.53
N ILE D 60 12.36 15.39 -15.88
CA ILE D 60 12.25 16.73 -16.46
C ILE D 60 12.92 17.84 -15.64
N VAL D 61 13.65 18.70 -16.34
CA VAL D 61 14.32 19.84 -15.74
C VAL D 61 13.78 21.01 -16.53
N PHE D 62 13.11 21.93 -15.84
CA PHE D 62 12.50 23.08 -16.48
C PHE D 62 13.41 24.28 -16.69
N GLY D 63 14.31 24.19 -17.67
CA GLY D 63 15.22 25.30 -17.96
C GLY D 63 16.68 25.02 -17.63
N GLU D 64 17.60 25.68 -18.34
CA GLU D 64 19.02 25.48 -18.11
C GLU D 64 19.41 26.06 -16.77
N ASP D 65 18.59 27.01 -16.29
CA ASP D 65 18.84 27.65 -15.01
C ASP D 65 18.56 26.66 -13.87
N GLN D 66 17.79 25.62 -14.16
CA GLN D 66 17.41 24.65 -13.16
C GLN D 66 18.28 23.40 -13.01
N TYR D 67 19.31 23.26 -13.82
CA TYR D 67 20.17 22.10 -13.71
C TYR D 67 21.01 22.12 -12.44
N ASP D 68 20.97 23.26 -11.75
CA ASP D 68 21.71 23.42 -10.52
C ASP D 68 20.99 22.71 -9.38
N ALA D 69 19.88 22.08 -9.72
CA ALA D 69 19.11 21.32 -8.76
C ALA D 69 20.01 20.16 -8.34
N PHE D 70 20.74 19.68 -9.33
CA PHE D 70 21.63 18.54 -9.13
C PHE D 70 23.00 18.86 -8.60
N GLU D 71 23.23 20.12 -8.27
CA GLU D 71 24.51 20.48 -7.72
C GLU D 71 24.57 20.02 -6.28
N ASN D 72 23.42 20.02 -5.62
CA ASN D 72 23.35 19.61 -4.22
C ASN D 72 22.47 18.39 -4.02
N GLY D 73 21.69 18.07 -5.05
CA GLY D 73 20.83 16.91 -4.98
C GLY D 73 19.36 17.23 -4.83
N LEU D 74 18.52 16.21 -5.05
CA LEU D 74 17.08 16.36 -4.93
C LEU D 74 16.65 16.46 -3.49
N TRP D 75 17.53 16.11 -2.56
CA TRP D 75 17.18 16.21 -1.15
C TRP D 75 17.79 17.44 -0.53
N SER D 76 18.24 18.36 -1.37
CA SER D 76 18.85 19.61 -0.92
C SER D 76 17.81 20.54 -0.30
N ARG D 77 16.55 20.35 -0.68
CA ARG D 77 15.47 21.18 -0.16
C ARG D 77 15.51 22.58 -0.75
N GLU D 78 16.25 22.74 -1.85
CA GLU D 78 16.40 24.02 -2.53
C GLU D 78 15.28 24.21 -3.57
N PRO D 79 14.87 25.46 -3.81
CA PRO D 79 13.82 25.82 -4.78
C PRO D 79 14.24 25.74 -6.23
N TYR D 80 13.84 24.66 -6.90
CA TYR D 80 14.16 24.47 -8.31
C TYR D 80 12.97 23.86 -9.05
N GLU D 81 12.93 24.09 -10.36
CA GLU D 81 11.86 23.54 -11.16
C GLU D 81 12.30 22.23 -11.83
N ALA D 82 11.83 21.12 -11.28
CA ALA D 82 12.18 19.79 -11.79
C ALA D 82 11.19 18.74 -11.32
N MET D 83 11.05 17.66 -12.09
CA MET D 83 10.13 16.59 -11.72
C MET D 83 10.20 15.40 -12.67
N VAL D 84 9.59 14.29 -12.26
CA VAL D 84 9.56 13.08 -13.06
C VAL D 84 8.09 12.76 -13.31
N ILE D 85 7.76 12.34 -14.51
CA ILE D 85 6.39 12.03 -14.85
C ILE D 85 6.28 10.69 -15.59
N PHE D 86 5.68 9.69 -14.94
CA PHE D 86 5.49 8.36 -15.54
C PHE D 86 4.08 8.38 -16.12
N GLU D 87 3.97 8.33 -17.44
CA GLU D 87 2.67 8.35 -18.12
C GLU D 87 2.23 6.93 -18.47
N SER D 88 1.12 6.48 -17.87
CA SER D 88 0.58 5.16 -18.12
C SER D 88 -0.49 5.16 -19.22
N LEU D 89 -1.13 6.31 -19.42
CA LEU D 89 -2.17 6.42 -20.45
C LEU D 89 -2.24 7.81 -21.05
N ASN D 90 -2.62 7.86 -22.32
CA ASN D 90 -2.76 9.12 -23.04
C ASN D 90 -3.56 8.78 -24.27
N GLU D 91 -4.81 8.35 -24.03
CA GLU D 91 -5.70 7.95 -25.10
C GLU D 91 -6.35 9.15 -25.75
N PRO D 92 -6.31 9.24 -27.09
CA PRO D 92 -6.91 10.39 -27.78
C PRO D 92 -8.43 10.41 -27.67
N ALA D 93 -9.03 9.22 -27.59
CA ALA D 93 -10.48 9.08 -27.50
C ALA D 93 -11.16 9.63 -28.77
N VAL D 94 -10.58 9.27 -29.91
CA VAL D 94 -11.08 9.67 -31.23
C VAL D 94 -12.08 8.64 -31.74
N ASP D 95 -11.70 7.37 -31.69
CA ASP D 95 -12.55 6.26 -32.11
C ASP D 95 -13.95 6.39 -31.53
N GLY D 96 -14.95 6.25 -32.40
CA GLY D 96 -16.33 6.32 -31.94
C GLY D 96 -16.90 7.70 -31.80
N LEU D 97 -16.07 8.71 -32.04
CA LEU D 97 -16.50 10.10 -31.92
C LEU D 97 -17.13 10.54 -33.27
N PRO D 98 -18.23 11.32 -33.23
CA PRO D 98 -18.91 11.81 -34.45
C PRO D 98 -17.96 12.63 -35.30
N ALA D 99 -17.92 12.36 -36.61
CA ALA D 99 -17.02 13.09 -37.51
C ALA D 99 -17.07 14.60 -37.28
N ALA D 100 -18.26 15.12 -37.00
CA ALA D 100 -18.47 16.55 -36.75
C ALA D 100 -17.85 17.05 -35.43
N GLY D 101 -17.20 16.14 -34.70
CA GLY D 101 -16.58 16.52 -33.43
C GLY D 101 -15.06 16.64 -33.52
N ALA D 102 -14.49 16.29 -34.67
CA ALA D 102 -13.04 16.37 -34.86
C ALA D 102 -12.44 17.74 -34.54
N PRO D 103 -13.12 18.84 -34.89
CA PRO D 103 -12.49 20.12 -34.56
C PRO D 103 -12.20 20.29 -33.07
N PHE D 104 -13.03 19.70 -32.24
CA PHE D 104 -12.86 19.85 -30.79
C PHE D 104 -12.36 18.61 -30.03
N ALA D 105 -12.00 17.57 -30.77
CA ALA D 105 -11.52 16.32 -30.20
C ALA D 105 -10.27 16.48 -29.35
N GLU D 106 -9.49 17.53 -29.62
CA GLU D 106 -8.25 17.73 -28.88
C GLU D 106 -8.48 18.23 -27.46
N TYR D 107 -9.66 18.77 -27.19
CA TYR D 107 -9.98 19.24 -25.85
C TYR D 107 -10.47 18.09 -24.99
N SER D 108 -10.48 16.89 -25.58
CA SER D 108 -10.91 15.67 -24.90
C SER D 108 -9.73 14.73 -24.71
N GLY D 109 -9.98 13.43 -24.62
CA GLY D 109 -8.90 12.48 -24.44
C GLY D 109 -8.68 12.07 -23.01
N LEU D 110 -7.85 11.05 -22.80
CA LEU D 110 -7.60 10.56 -21.44
C LEU D 110 -6.14 10.32 -21.11
N CYS D 111 -5.62 11.14 -20.19
CA CYS D 111 -4.23 11.06 -19.77
C CYS D 111 -4.17 10.66 -18.30
N ASP D 112 -3.29 9.71 -17.99
CA ASP D 112 -3.09 9.23 -16.63
C ASP D 112 -1.60 9.19 -16.38
N LYS D 113 -1.14 9.92 -15.38
CA LYS D 113 0.28 9.92 -15.06
C LYS D 113 0.54 10.21 -13.59
N LEU D 114 1.63 9.64 -13.09
CA LEU D 114 2.03 9.85 -11.71
C LEU D 114 3.18 10.86 -11.78
N MET D 115 3.24 11.78 -10.84
CA MET D 115 4.31 12.78 -10.84
C MET D 115 5.06 12.75 -9.50
N ILE D 116 6.38 12.89 -9.55
CA ILE D 116 7.16 12.89 -8.32
C ILE D 116 7.95 14.18 -8.21
N VAL D 117 7.68 14.90 -7.13
CA VAL D 117 8.31 16.17 -6.83
C VAL D 117 9.00 16.07 -5.49
N HIS D 118 10.31 16.36 -5.44
CA HIS D 118 11.05 16.29 -4.18
C HIS D 118 10.94 17.58 -3.36
N PRO D 119 11.23 17.50 -2.06
CA PRO D 119 11.15 18.63 -1.14
C PRO D 119 11.70 19.94 -1.71
N GLY D 120 10.88 20.99 -1.70
CA GLY D 120 11.35 22.28 -2.20
C GLY D 120 11.27 22.49 -3.70
N LYS D 121 11.16 21.41 -4.46
CA LYS D 121 11.09 21.52 -5.91
C LYS D 121 9.69 21.91 -6.43
N PHE D 122 9.65 22.51 -7.62
CA PHE D 122 8.38 22.96 -8.22
C PHE D 122 8.09 22.36 -9.58
N CYS D 123 6.87 22.61 -10.03
CA CYS D 123 6.36 22.26 -11.36
C CYS D 123 5.98 23.70 -11.74
N PRO D 124 6.85 24.37 -12.50
CA PRO D 124 6.74 25.77 -12.98
C PRO D 124 5.37 26.28 -13.42
N PRO D 125 5.13 27.57 -13.22
CA PRO D 125 3.87 28.22 -13.61
C PRO D 125 3.61 28.04 -15.11
N HIS D 126 2.43 27.52 -15.45
CA HIS D 126 2.05 27.26 -16.83
C HIS D 126 0.55 27.07 -16.89
N TYR D 127 -0.01 27.13 -18.10
CA TYR D 127 -1.44 26.91 -18.32
C TYR D 127 -1.55 26.12 -19.60
N HIS D 128 -2.67 25.44 -19.78
CA HIS D 128 -2.89 24.62 -20.97
C HIS D 128 -4.15 25.18 -21.61
N GLN D 129 -4.18 25.22 -22.95
CA GLN D 129 -5.34 25.75 -23.64
C GLN D 129 -6.42 24.72 -23.77
N ARG D 130 -6.00 23.46 -23.91
CA ARG D 130 -6.92 22.34 -24.11
C ARG D 130 -7.08 21.43 -22.90
N LYS D 131 -5.99 21.11 -22.25
CA LYS D 131 -6.01 20.18 -21.11
C LYS D 131 -6.62 20.70 -19.80
N THR D 132 -7.40 19.82 -19.18
CA THR D 132 -8.04 20.07 -17.90
C THR D 132 -7.52 18.92 -17.03
N GLU D 133 -6.98 19.27 -15.87
CA GLU D 133 -6.41 18.26 -15.00
C GLU D 133 -7.10 18.08 -13.65
N SER D 134 -6.82 16.96 -13.01
CA SER D 134 -7.36 16.62 -11.68
C SER D 134 -6.17 16.11 -10.88
N TYR D 135 -6.15 16.37 -9.58
CA TYR D 135 -5.04 15.92 -8.76
C TYR D 135 -5.47 15.00 -7.62
N GLU D 136 -4.68 13.97 -7.38
CA GLU D 136 -4.94 13.07 -6.26
C GLU D 136 -3.63 12.80 -5.58
N VAL D 137 -3.47 13.36 -4.38
CA VAL D 137 -2.23 13.13 -3.66
C VAL D 137 -2.11 11.68 -3.19
N VAL D 138 -1.04 11.01 -3.62
CA VAL D 138 -0.79 9.62 -3.23
C VAL D 138 0.13 9.60 -2.00
N LEU D 139 1.15 10.46 -2.03
CA LEU D 139 2.13 10.57 -0.95
C LEU D 139 2.60 12.01 -0.72
N GLY D 140 2.64 12.42 0.54
CA GLY D 140 3.12 13.75 0.87
C GLY D 140 2.03 14.80 0.88
N GLU D 141 2.44 16.05 0.68
CA GLU D 141 1.51 17.16 0.64
C GLU D 141 1.85 18.02 -0.53
N MET D 142 0.81 18.46 -1.24
CA MET D 142 1.01 19.28 -2.42
C MET D 142 0.53 20.72 -2.20
N GLU D 143 1.44 21.67 -2.38
CA GLU D 143 1.08 23.07 -2.23
C GLU D 143 0.83 23.60 -3.64
N LEU D 144 -0.44 23.67 -4.00
CA LEU D 144 -0.86 24.12 -5.31
C LEU D 144 -1.07 25.63 -5.37
N PHE D 145 -0.51 26.24 -6.42
CA PHE D 145 -0.61 27.67 -6.64
C PHE D 145 -1.29 27.87 -8.00
N TYR D 146 -2.20 28.84 -8.11
CA TYR D 146 -2.88 29.08 -9.38
C TYR D 146 -3.57 30.42 -9.44
N SER D 147 -3.99 30.79 -10.65
CA SER D 147 -4.72 32.04 -10.84
C SER D 147 -6.19 31.66 -10.97
N PRO D 148 -7.04 32.35 -10.19
CA PRO D 148 -8.49 32.10 -10.20
C PRO D 148 -9.19 32.53 -11.49
N LYS D 149 -8.49 33.33 -12.30
CA LYS D 149 -9.04 33.80 -13.57
C LYS D 149 -8.33 33.06 -14.73
N PRO D 150 -9.11 32.59 -15.72
CA PRO D 150 -8.53 31.88 -16.85
C PRO D 150 -7.90 32.91 -17.77
N VAL D 151 -7.20 32.45 -18.80
CA VAL D 151 -6.57 33.35 -19.74
C VAL D 151 -7.44 33.39 -21.00
N GLN D 152 -7.46 34.54 -21.68
CA GLN D 152 -8.25 34.67 -22.89
C GLN D 152 -7.41 34.26 -24.10
N VAL D 153 -7.52 33.00 -24.49
CA VAL D 153 -6.76 32.50 -25.62
C VAL D 153 -7.55 32.66 -26.92
N GLY D 154 -7.26 33.75 -27.62
CA GLY D 154 -7.94 34.03 -28.88
C GLY D 154 -9.25 34.80 -28.70
N GLU D 155 -9.76 35.35 -29.79
CA GLU D 155 -11.01 36.12 -29.73
C GLU D 155 -12.26 35.22 -29.68
N GLU D 156 -12.04 33.92 -29.81
CA GLU D 156 -13.11 32.91 -29.79
C GLU D 156 -13.90 32.89 -28.46
N GLU D 157 -15.16 32.47 -28.52
CA GLU D 157 -16.01 32.43 -27.34
C GLU D 157 -15.88 31.09 -26.61
N VAL D 158 -15.77 31.16 -25.28
CA VAL D 158 -15.61 29.98 -24.45
C VAL D 158 -16.77 29.74 -23.48
N LEU D 159 -16.99 28.47 -23.16
CA LEU D 159 -18.05 28.09 -22.26
C LEU D 159 -17.63 28.23 -20.80
N SER D 160 -18.61 28.19 -19.89
CA SER D 160 -18.37 28.30 -18.46
C SER D 160 -19.31 27.37 -17.72
N PHE D 161 -19.13 27.24 -16.41
CA PHE D 161 -19.97 26.35 -15.60
C PHE D 161 -19.58 26.42 -14.12
N THR D 162 -18.48 25.74 -13.78
CA THR D 162 -17.99 25.69 -12.39
C THR D 162 -16.78 26.58 -12.15
N GLY D 163 -16.02 26.84 -13.22
CA GLY D 163 -14.83 27.67 -13.11
C GLY D 163 -13.91 27.26 -11.98
N MET D 164 -12.98 28.15 -11.61
CA MET D 164 -12.05 27.87 -10.53
C MET D 164 -12.35 28.77 -9.34
N HIS D 165 -12.59 28.15 -8.18
CA HIS D 165 -12.90 28.93 -6.98
C HIS D 165 -11.69 29.79 -6.63
N GLU D 166 -11.82 30.61 -5.59
CA GLU D 166 -10.74 31.50 -5.21
C GLU D 166 -9.60 30.87 -4.45
N GLY D 167 -9.89 30.12 -3.40
CA GLY D 167 -8.81 29.50 -2.67
C GLY D 167 -8.26 30.35 -1.54
N SER D 168 -7.03 30.07 -1.14
CA SER D 168 -6.44 30.78 -0.01
C SER D 168 -5.14 31.54 -0.26
N PRO D 169 -4.69 32.34 0.73
CA PRO D 169 -3.45 33.12 0.65
C PRO D 169 -2.28 32.15 0.74
N TRP D 170 -1.18 32.48 0.09
CA TRP D 170 -0.02 31.62 0.17
C TRP D 170 0.44 31.56 1.61
N PRO D 171 1.04 30.43 2.03
CA PRO D 171 1.51 30.34 3.41
C PRO D 171 2.85 31.10 3.42
N ASP D 172 3.27 31.60 4.57
CA ASP D 172 4.54 32.34 4.61
C ASP D 172 5.74 31.43 4.37
N GLY D 173 6.77 31.98 3.73
CA GLY D 173 7.99 31.22 3.54
C GLY D 173 8.10 30.28 2.36
N VAL D 174 7.33 30.52 1.31
CA VAL D 174 7.45 29.68 0.14
C VAL D 174 8.63 30.18 -0.69
N ALA D 175 9.76 29.48 -0.60
CA ALA D 175 10.95 29.84 -1.37
C ALA D 175 10.76 29.45 -2.82
N LEU D 176 10.88 30.43 -3.71
CA LEU D 176 10.72 30.23 -5.15
C LEU D 176 12.09 30.17 -5.83
N PRO D 177 12.21 29.40 -6.93
CA PRO D 177 13.52 29.34 -7.57
C PRO D 177 13.99 30.73 -8.00
N ILE D 178 15.26 31.00 -7.73
CA ILE D 178 15.91 32.28 -8.07
C ILE D 178 15.84 32.57 -9.57
N GLY D 179 15.39 33.77 -9.93
CA GLY D 179 15.32 34.14 -11.33
C GLY D 179 14.00 33.82 -11.97
N ARG D 180 13.15 33.08 -11.27
CA ARG D 180 11.82 32.76 -11.80
C ARG D 180 10.78 33.32 -10.85
N GLU D 181 11.23 34.09 -9.87
CA GLU D 181 10.37 34.69 -8.87
C GLU D 181 9.10 35.31 -9.48
N GLU D 182 9.26 36.01 -10.60
CA GLU D 182 8.15 36.67 -11.25
C GLU D 182 7.09 35.75 -11.81
N SER D 183 7.48 34.70 -12.54
CA SER D 183 6.50 33.80 -13.15
C SER D 183 5.41 33.25 -12.22
N TYR D 184 5.54 33.48 -10.91
CA TYR D 184 4.56 33.01 -9.93
C TYR D 184 3.57 34.10 -9.53
N ALA D 185 3.90 35.36 -9.82
CA ALA D 185 3.05 36.48 -9.47
C ALA D 185 1.55 36.28 -9.72
N ALA D 186 1.20 36.06 -10.99
CA ALA D 186 -0.20 35.87 -11.35
C ALA D 186 -0.90 34.69 -10.65
N LEU D 187 -0.15 33.78 -10.05
CA LEU D 187 -0.78 32.63 -9.42
C LEU D 187 -1.04 32.87 -7.92
N THR D 188 -1.87 33.88 -7.66
CA THR D 188 -2.24 34.31 -6.30
C THR D 188 -3.03 33.38 -5.39
N SER D 189 -3.77 32.44 -5.96
CA SER D 189 -4.54 31.50 -5.16
C SER D 189 -3.69 30.31 -4.72
N TYR D 190 -3.90 29.88 -3.49
CA TYR D 190 -3.14 28.78 -2.91
C TYR D 190 -4.10 27.66 -2.52
N ARG D 191 -3.56 26.48 -2.26
CA ARG D 191 -4.33 25.31 -1.85
C ARG D 191 -3.40 24.17 -1.44
N ARG D 192 -3.70 23.55 -0.30
CA ARG D 192 -2.89 22.45 0.23
C ARG D 192 -3.70 21.17 0.11
N LEU D 193 -3.34 20.32 -0.84
CA LEU D 193 -4.05 19.07 -1.05
C LEU D 193 -3.29 17.91 -0.40
N ARG D 194 -4.02 17.07 0.32
CA ARG D 194 -3.43 15.95 1.04
C ARG D 194 -4.04 14.64 0.59
N VAL D 195 -3.42 13.55 1.03
CA VAL D 195 -3.89 12.21 0.71
C VAL D 195 -5.26 12.05 1.36
N GLY D 196 -6.24 11.60 0.59
CA GLY D 196 -7.58 11.42 1.14
C GLY D 196 -8.54 12.53 0.73
N ASP D 197 -8.02 13.73 0.49
CA ASP D 197 -8.83 14.88 0.07
C ASP D 197 -9.66 14.57 -1.17
N PRO D 198 -10.60 15.48 -1.52
CA PRO D 198 -11.44 15.28 -2.70
C PRO D 198 -10.57 15.50 -3.94
N LYS D 199 -11.03 15.03 -5.09
CA LYS D 199 -10.30 15.22 -6.34
C LYS D 199 -10.28 16.70 -6.58
N PHE D 200 -9.14 17.23 -6.98
CA PHE D 200 -9.02 18.65 -7.27
C PHE D 200 -8.94 18.85 -8.79
N VAL D 201 -9.86 19.65 -9.33
CA VAL D 201 -9.89 19.90 -10.75
C VAL D 201 -9.35 21.27 -11.12
N MET D 202 -8.43 21.27 -12.09
CA MET D 202 -7.77 22.46 -12.60
C MET D 202 -8.17 22.65 -14.05
N HIS D 203 -9.15 23.52 -14.29
CA HIS D 203 -9.64 23.78 -15.65
C HIS D 203 -8.59 24.36 -16.59
N ARG D 204 -8.71 24.00 -17.86
CA ARG D 204 -7.80 24.51 -18.88
C ARG D 204 -7.82 26.04 -18.81
N LYS D 205 -6.83 26.68 -19.43
CA LYS D 205 -6.72 28.13 -19.45
C LYS D 205 -6.47 28.76 -18.09
N HIS D 206 -6.13 27.94 -17.10
CA HIS D 206 -5.81 28.47 -15.77
C HIS D 206 -4.34 28.27 -15.44
N LEU D 207 -3.71 29.34 -14.96
CA LEU D 207 -2.32 29.29 -14.60
C LEU D 207 -2.13 28.49 -13.33
N HIS D 208 -1.34 27.43 -13.40
CA HIS D 208 -1.09 26.63 -12.22
C HIS D 208 0.38 26.29 -12.01
N ALA D 209 0.66 25.69 -10.87
CA ALA D 209 2.02 25.31 -10.47
C ALA D 209 1.93 24.84 -9.03
N PHE D 210 2.62 23.75 -8.72
CA PHE D 210 2.62 23.22 -7.38
C PHE D 210 4.02 22.81 -6.96
N ARG D 211 4.19 22.53 -5.67
CA ARG D 211 5.49 22.12 -5.16
C ARG D 211 5.30 21.24 -3.94
N CYS D 212 6.39 20.58 -3.57
CA CYS D 212 6.38 19.74 -2.40
C CYS D 212 7.04 20.61 -1.34
N PRO D 213 6.39 20.75 -0.18
CA PRO D 213 6.90 21.56 0.94
C PRO D 213 8.39 21.30 1.14
N ALA D 214 9.19 22.37 1.14
CA ALA D 214 10.63 22.24 1.30
C ALA D 214 11.09 21.39 2.49
N ASP D 215 10.32 21.38 3.57
CA ASP D 215 10.69 20.58 4.74
C ASP D 215 9.97 19.23 4.80
N SER D 216 9.66 18.69 3.64
CA SER D 216 8.95 17.40 3.55
C SER D 216 9.94 16.30 3.90
N ASP D 217 9.38 15.18 4.34
CA ASP D 217 10.14 14.00 4.75
C ASP D 217 10.15 12.94 3.63
N VAL D 218 9.25 13.14 2.66
CA VAL D 218 9.11 12.23 1.52
C VAL D 218 8.88 13.03 0.26
N PRO D 219 9.01 12.37 -0.89
CA PRO D 219 8.78 13.15 -2.10
C PRO D 219 7.27 13.27 -2.27
N LEU D 220 6.80 14.38 -2.82
CA LEU D 220 5.37 14.52 -3.07
C LEU D 220 5.11 13.60 -4.26
N VAL D 221 4.00 12.87 -4.22
CA VAL D 221 3.65 11.96 -5.31
C VAL D 221 2.16 12.12 -5.61
N VAL D 222 1.81 12.39 -6.86
CA VAL D 222 0.42 12.61 -7.18
C VAL D 222 -0.06 12.05 -8.54
N ARG D 223 -1.25 11.45 -8.51
CA ARG D 223 -1.89 10.87 -9.69
C ARG D 223 -2.61 11.96 -10.46
N GLU D 224 -2.14 12.27 -11.66
CA GLU D 224 -2.82 13.28 -12.44
C GLU D 224 -3.68 12.64 -13.51
N VAL D 225 -4.98 12.82 -13.37
CA VAL D 225 -5.96 12.31 -14.32
C VAL D 225 -6.46 13.55 -15.08
N SER D 226 -6.09 13.67 -16.35
CA SER D 226 -6.47 14.84 -17.14
C SER D 226 -6.90 14.48 -18.54
N THR D 227 -7.17 15.51 -19.35
CA THR D 227 -7.55 15.31 -20.74
C THR D 227 -6.25 14.99 -21.48
N TYR D 228 -6.34 14.69 -22.78
CA TYR D 228 -5.19 14.37 -23.60
C TYR D 228 -4.01 15.36 -23.45
N SER D 229 -2.80 14.81 -23.34
CA SER D 229 -1.58 15.60 -23.17
C SER D 229 -0.81 15.71 -24.47
N HIS D 230 -0.85 16.87 -25.09
CA HIS D 230 -0.17 17.11 -26.35
C HIS D 230 1.32 17.38 -26.13
N GLU D 231 2.20 16.52 -26.64
CA GLU D 231 3.64 16.72 -26.49
C GLU D 231 4.32 16.71 -27.86
N PRO D 232 5.07 17.77 -28.20
CA PRO D 232 5.78 17.90 -29.49
C PRO D 232 6.75 16.75 -29.76
N ALA D 241 -0.83 9.79 -35.47
CA ALA D 241 -1.49 11.10 -35.38
C ALA D 241 -3.02 10.97 -35.30
N PRO D 242 -3.60 11.12 -34.10
CA PRO D 242 -5.05 11.03 -33.86
C PRO D 242 -5.89 11.64 -34.97
N LEU D 243 -5.46 12.79 -35.45
CA LEU D 243 -6.11 13.50 -36.55
C LEU D 243 -4.98 14.32 -37.17
N PRO D 244 -5.14 14.71 -38.45
CA PRO D 244 -4.10 15.50 -39.14
C PRO D 244 -3.76 16.80 -38.41
N ASP D 245 -4.79 17.49 -37.95
CA ASP D 245 -4.66 18.77 -37.27
C ASP D 245 -4.14 18.64 -35.83
N TRP D 246 -3.87 17.40 -35.43
CA TRP D 246 -3.34 17.10 -34.10
C TRP D 246 -1.81 17.07 -34.20
N ALA D 247 -1.32 16.94 -35.43
CA ALA D 247 0.10 16.87 -35.71
C ALA D 247 0.89 17.92 -34.91
N GLY D 248 1.78 17.45 -34.03
CA GLY D 248 2.60 18.34 -33.22
C GLY D 248 1.93 19.58 -32.66
N LEU D 249 1.06 19.41 -31.67
CA LEU D 249 0.38 20.55 -31.07
C LEU D 249 1.05 20.90 -29.74
N HIS D 250 1.11 22.19 -29.44
CA HIS D 250 1.71 22.66 -28.21
C HIS D 250 0.60 23.04 -27.26
N ASP D 251 0.47 22.28 -26.18
CA ASP D 251 -0.59 22.55 -25.20
C ASP D 251 0.01 22.97 -23.85
N ASN D 252 1.33 23.08 -23.81
CA ASN D 252 2.03 23.52 -22.59
C ASN D 252 2.52 24.95 -22.78
N SER D 253 2.02 25.88 -21.96
CA SER D 253 2.45 27.26 -22.07
C SER D 253 2.96 27.77 -20.73
N PHE D 254 4.29 27.81 -20.55
CA PHE D 254 4.90 28.24 -19.29
C PHE D 254 5.18 29.73 -19.24
N VAL D 255 4.94 30.33 -18.08
CA VAL D 255 5.18 31.75 -17.90
C VAL D 255 6.66 32.04 -18.23
N ALA D 256 7.56 31.64 -17.33
CA ALA D 256 8.99 31.86 -17.56
C ALA D 256 9.44 31.20 -18.87
N ALA D 257 9.90 32.04 -19.79
CA ALA D 257 10.38 31.59 -21.10
C ALA D 257 11.40 30.45 -21.00
N ALA D 258 12.31 30.59 -20.03
CA ALA D 258 13.38 29.62 -19.79
C ALA D 258 12.86 28.19 -19.61
N ALA D 259 11.72 28.06 -18.93
CA ALA D 259 11.10 26.78 -18.66
C ALA D 259 10.68 26.09 -19.95
N ASN D 260 10.25 26.90 -20.93
CA ASN D 260 9.80 26.39 -22.23
C ASN D 260 10.88 25.66 -23.04
N SER D 261 12.11 26.19 -23.00
CA SER D 261 13.23 25.61 -23.74
C SER D 261 13.75 24.37 -23.04
N GLY D 262 13.09 23.97 -21.96
CA GLY D 262 13.51 22.80 -21.21
C GLY D 262 12.56 21.61 -21.24
N ARG D 263 11.32 21.80 -20.79
CA ARG D 263 10.34 20.70 -20.77
C ARG D 263 10.53 19.79 -21.98
N LEU D 264 11.03 20.34 -23.09
CA LEU D 264 11.27 19.59 -24.32
C LEU D 264 12.14 18.33 -24.08
N ARG D 265 13.22 18.47 -23.32
CA ARG D 265 14.13 17.35 -23.04
C ARG D 265 15.06 17.66 -21.86
N THR D 266 15.64 16.63 -21.26
CA THR D 266 16.55 16.87 -20.17
C THR D 266 17.96 16.50 -20.62
N ALA D 267 18.86 17.48 -20.51
CA ALA D 267 20.25 17.31 -20.91
C ALA D 267 20.96 16.33 -19.99
N ILE D 268 21.23 15.13 -20.51
CA ILE D 268 21.93 14.12 -19.73
C ILE D 268 23.28 13.88 -20.35
N GLN D 269 24.33 13.90 -19.54
CA GLN D 269 25.65 13.68 -20.06
C GLN D 269 25.90 12.20 -20.33
#